data_7K0K
#
_entry.id   7K0K
#
_cell.length_a   1.00
_cell.length_b   1.00
_cell.length_c   1.00
_cell.angle_alpha   90.00
_cell.angle_beta   90.00
_cell.angle_gamma   90.00
#
_symmetry.space_group_name_H-M   'P 1'
#
loop_
_entity.id
_entity.type
_entity.pdbx_description
1 polymer 'Serine palmitoyltransferase 1'
2 polymer 'Serine palmitoyltransferase 2'
3 polymer 'Serine palmitoyltransferase small subunit A'
4 non-polymer 3-Dehydrosphinganine
#
loop_
_entity_poly.entity_id
_entity_poly.type
_entity_poly.pdbx_seq_one_letter_code
_entity_poly.pdbx_strand_id
1 'polypeptide(L)'
;MATATEQWVLVEMVQALYEAPAYHLILEGILILWIIRLLFSKTYKLQERSDLTVKEKEELIEEWQPEPLVPPVPKDHPAL
NYNIVSGPPSHKTVVNGKECINFASFNFLGLLDNPRVKAAALASLKKYGVGTCGPRGFYGTFDVHLDLEDRLAKFMKTEE
AIIYSYGFATIASAIPAYSKRGDIVFVDRAACFAIQKGLQASRSDIKLFKHNDMADLERLLKEQEIEDQKNPRKARVTRR
FIVVEGLYMNTGTICPLPELVKLKYKYKARIFLEESLSFGVLGEHGRGVTEHYGINIDDIDLISANMENALASIGGFCCG
RSFVIDHQRLSGQGYCFSASLPPLLAAAAIEALNIMEENPGIFAVLKEKCGQIHKALQGISGLKVVGESLSPAFHLQLEE
STGSREQDVRLLQEIVDQCMNRSIALTQARYLEKEEKCLPPPSIRVVVTVEQTEEELERAASTIKEVAQAVLL
;
A
2 'polypeptide(L)'
;MRPEPGGCCCRRTVRANGCVANGEVRNGYVRSSAAAAAAAAAGQIHHVTQNGGLYKRPFNEAFEETPMLVAVLTYVGYGV
LTLFGYLRDFLRYWRIEKCHHATEREEQKDFVSLYQDFENFYTRNLYMRIRDNWNRPICSVPGARVDIMERQSHDYNWSF
KYTGNIIKGVINMGSYNYLGFARNTGSCQEAAAKVLEEYGAGVCSTRQEIGNLDKHEELEELVARFLGVEAAMAYGMGFA
TNSMNIPALVGKGCLILSDELNHASLVLGARLSGATIRIFKHNNMQSLEKLLKDAIVYGQPRTRRPWKKILILVEGIYSM
EGSIVRLPEVIALKKKYKAYLYLDEAHSIGALGPTGRGVVEYFGLDPEDVDVMMGTFT(LLP)SFGASGGYIGGKKELID
YLRTHSHSAVYATSLSPPVVEQIITSMKCIMGQDGTSLGKECVQQLAENTRYFRRRLKEMGFIIYGNEDSPVVPLMLYMP
AKIGAFGREMLKRNIGVVVVGFPATPIIESRARFCLSAAHTKEILDTALKEIDEVGDLLQLKYSRHRLVPLLDRPFDETT
YEETED
;
B
3 'polypeptide(L)' MAGMALARAWKQMSWFYYQYLLVTALYMLEPWERTVFNSMLVSIVGMALYTGYVFMPQHIMAILHYFEIVQ C
#
# COMPACT_ATOMS: atom_id res chain seq x y z
N ASP A 51 -33.28 -4.49 -31.99
CA ASP A 51 -32.52 -3.30 -32.31
C ASP A 51 -31.63 -3.54 -33.52
N LEU A 52 -30.31 -3.43 -33.32
CA LEU A 52 -29.36 -3.55 -34.42
C LEU A 52 -29.30 -4.98 -34.94
N THR A 53 -28.99 -5.12 -36.22
CA THR A 53 -28.73 -6.42 -36.81
C THR A 53 -27.38 -6.93 -36.36
N VAL A 54 -27.21 -8.25 -36.40
CA VAL A 54 -25.93 -8.86 -36.08
C VAL A 54 -24.87 -8.46 -37.11
N LYS A 55 -25.27 -8.31 -38.37
CA LYS A 55 -24.34 -7.86 -39.39
C LYS A 55 -23.87 -6.43 -39.13
N GLU A 56 -24.79 -5.56 -38.73
CA GLU A 56 -24.40 -4.19 -38.38
C GLU A 56 -23.45 -4.19 -37.18
N LYS A 57 -23.73 -5.04 -36.19
CA LYS A 57 -22.88 -5.07 -35.00
C LYS A 57 -21.49 -5.57 -35.33
N GLU A 58 -21.39 -6.59 -36.19
CA GLU A 58 -20.06 -7.07 -36.55
C GLU A 58 -19.33 -6.05 -37.41
N GLU A 59 -20.05 -5.29 -38.24
CA GLU A 59 -19.42 -4.20 -38.97
C GLU A 59 -18.88 -3.14 -38.03
N LEU A 60 -19.66 -2.79 -37.00
CA LEU A 60 -19.22 -1.80 -36.02
C LEU A 60 -17.98 -2.28 -35.29
N ILE A 61 -17.94 -3.56 -34.91
CA ILE A 61 -16.78 -4.11 -34.23
C ILE A 61 -15.56 -4.07 -35.16
N GLU A 62 -15.76 -4.41 -36.43
CA GLU A 62 -14.66 -4.41 -37.39
C GLU A 62 -14.10 -3.01 -37.62
N GLU A 63 -14.96 -1.99 -37.64
CA GLU A 63 -14.51 -0.66 -38.02
C GLU A 63 -14.01 0.17 -36.86
N TRP A 64 -14.03 -0.35 -35.64
CA TRP A 64 -13.61 0.39 -34.46
C TRP A 64 -12.11 0.31 -34.30
N GLN A 65 -11.44 1.46 -34.25
CA GLN A 65 -10.00 1.54 -34.07
C GLN A 65 -9.69 2.29 -32.78
N PRO A 66 -9.11 1.64 -31.78
CA PRO A 66 -8.82 2.34 -30.52
C PRO A 66 -7.64 3.29 -30.66
N GLU A 67 -7.60 4.27 -29.77
CA GLU A 67 -6.43 5.12 -29.66
C GLU A 67 -5.25 4.30 -29.16
N PRO A 68 -4.02 4.72 -29.48
CA PRO A 68 -2.85 4.01 -28.96
C PRO A 68 -2.83 4.07 -27.44
N LEU A 69 -2.24 3.03 -26.83
CA LEU A 69 -2.23 2.96 -25.37
C LEU A 69 -1.52 4.16 -24.76
N VAL A 70 -0.39 4.54 -25.34
CA VAL A 70 0.37 5.71 -24.89
C VAL A 70 0.47 6.68 -26.07
N PRO A 71 0.21 7.98 -25.87
CA PRO A 71 0.39 8.92 -26.96
C PRO A 71 1.86 9.12 -27.27
N PRO A 72 2.19 9.60 -28.47
CA PRO A 72 3.59 9.92 -28.78
C PRO A 72 4.14 10.96 -27.82
N VAL A 73 5.38 10.76 -27.41
CA VAL A 73 6.02 11.63 -26.42
C VAL A 73 7.13 12.42 -27.11
N PRO A 74 7.22 13.73 -26.90
CA PRO A 74 8.29 14.51 -27.54
C PRO A 74 9.67 14.03 -27.11
N LYS A 75 10.59 14.01 -28.08
CA LYS A 75 11.97 13.64 -27.77
C LYS A 75 12.64 14.72 -26.92
N ASP A 76 12.20 15.97 -27.07
CA ASP A 76 12.76 17.09 -26.32
C ASP A 76 11.90 17.36 -25.08
N HIS A 77 11.75 16.33 -24.27
CA HIS A 77 11.01 16.43 -23.02
C HIS A 77 11.98 16.53 -21.86
N PRO A 78 11.84 17.53 -20.98
CA PRO A 78 12.79 17.65 -19.86
C PRO A 78 12.79 16.45 -18.93
N ALA A 79 11.60 15.96 -18.57
CA ALA A 79 11.51 14.81 -17.69
C ALA A 79 11.89 13.51 -18.38
N LEU A 80 12.11 13.54 -19.69
CA LEU A 80 12.55 12.34 -20.39
C LEU A 80 14.00 12.00 -20.05
N ASN A 81 14.83 13.03 -19.85
CA ASN A 81 16.22 12.83 -19.48
C ASN A 81 16.35 12.86 -17.97
N TYR A 82 16.49 11.70 -17.35
CA TYR A 82 16.79 11.60 -15.94
C TYR A 82 18.24 11.99 -15.69
N ASN A 83 18.52 12.45 -14.48
CA ASN A 83 19.88 12.67 -14.01
C ASN A 83 20.35 11.36 -13.40
N ILE A 84 21.37 10.76 -14.00
CA ILE A 84 21.93 9.55 -13.42
C ILE A 84 22.96 9.91 -12.37
N VAL A 85 22.75 9.42 -11.15
CA VAL A 85 23.63 9.68 -10.02
C VAL A 85 24.48 8.43 -9.80
N SER A 86 25.79 8.61 -9.81
CA SER A 86 26.72 7.51 -9.62
C SER A 86 27.11 7.43 -8.16
N GLY A 87 26.65 6.39 -7.47
CA GLY A 87 26.89 6.25 -6.05
C GLY A 87 25.73 6.78 -5.24
N PRO A 88 25.96 7.00 -3.95
CA PRO A 88 24.89 7.51 -3.10
C PRO A 88 24.54 8.94 -3.45
N PRO A 89 23.30 9.36 -3.20
CA PRO A 89 22.88 10.74 -3.45
C PRO A 89 23.19 11.64 -2.25
N SER A 90 24.43 11.66 -1.83
CA SER A 90 24.82 12.27 -0.58
C SER A 90 25.41 13.65 -0.83
N HIS A 91 25.85 14.28 0.26
CA HIS A 91 26.69 15.47 0.15
C HIS A 91 27.93 15.12 -0.66
N LYS A 92 28.31 16.01 -1.57
CA LYS A 92 29.42 15.75 -2.49
C LYS A 92 29.13 14.51 -3.32
N THR A 93 28.12 14.59 -4.18
CA THR A 93 27.69 13.48 -5.02
C THR A 93 28.23 13.64 -6.44
N VAL A 94 27.99 12.62 -7.25
CA VAL A 94 28.35 12.63 -8.67
C VAL A 94 27.07 12.51 -9.47
N VAL A 95 26.72 13.55 -10.22
CA VAL A 95 25.49 13.59 -11.00
C VAL A 95 25.86 13.85 -12.44
N ASN A 96 25.40 12.98 -13.34
CA ASN A 96 25.70 13.06 -14.77
C ASN A 96 27.20 13.08 -15.01
N GLY A 97 27.94 12.32 -14.21
CA GLY A 97 29.37 12.21 -14.38
C GLY A 97 30.18 13.38 -13.87
N LYS A 98 29.58 14.27 -13.08
CA LYS A 98 30.26 15.46 -12.59
C LYS A 98 30.22 15.49 -11.08
N GLU A 99 31.35 15.84 -10.46
CA GLU A 99 31.39 16.04 -9.02
C GLU A 99 30.61 17.28 -8.63
N CYS A 100 29.70 17.15 -7.68
CA CYS A 100 28.77 18.22 -7.36
C CYS A 100 28.45 18.21 -5.87
N ILE A 101 28.22 19.39 -5.32
CA ILE A 101 27.70 19.52 -3.96
C ILE A 101 26.17 19.42 -4.03
N ASN A 102 25.61 18.51 -3.24
CA ASN A 102 24.18 18.21 -3.34
C ASN A 102 23.37 19.33 -2.70
N PHE A 103 22.51 19.97 -3.51
CA PHE A 103 21.53 20.92 -3.03
C PHE A 103 20.12 20.55 -3.48
N ALA A 104 19.90 19.27 -3.76
CA ALA A 104 18.65 18.80 -4.35
C ALA A 104 17.91 17.78 -3.48
N SER A 105 18.62 16.79 -2.96
CA SER A 105 17.95 15.71 -2.24
C SER A 105 17.45 16.19 -0.88
N PHE A 106 16.28 15.72 -0.50
CA PHE A 106 15.65 16.09 0.78
C PHE A 106 16.27 15.27 1.89
N ASN A 107 17.54 15.52 2.15
CA ASN A 107 18.27 14.88 3.24
C ASN A 107 18.66 15.99 4.22
N PHE A 108 17.73 16.37 5.09
CA PHE A 108 17.91 17.58 5.88
C PHE A 108 18.92 17.38 6.99
N LEU A 109 18.86 16.23 7.66
CA LEU A 109 19.68 15.98 8.84
C LEU A 109 20.96 15.22 8.54
N GLY A 110 21.22 14.89 7.27
CA GLY A 110 22.43 14.18 6.91
C GLY A 110 22.50 12.77 7.45
N LEU A 111 21.37 12.08 7.52
CA LEU A 111 21.32 10.73 8.07
C LEU A 111 21.40 9.66 7.00
N LEU A 112 21.55 10.03 5.73
CA LEU A 112 21.66 9.02 4.68
C LEU A 112 22.96 8.23 4.81
N ASP A 113 24.08 8.92 4.93
CA ASP A 113 25.36 8.26 5.14
C ASP A 113 25.87 8.41 6.56
N ASN A 114 24.99 8.41 7.54
CA ASN A 114 25.42 8.37 8.92
C ASN A 114 25.88 6.95 9.25
N PRO A 115 27.08 6.76 9.79
CA PRO A 115 27.54 5.40 10.13
C PRO A 115 26.64 4.68 11.11
N ARG A 116 26.04 5.38 12.07
CA ARG A 116 25.18 4.73 13.04
C ARG A 116 23.93 4.17 12.38
N VAL A 117 23.33 4.94 11.47
CA VAL A 117 22.14 4.49 10.76
C VAL A 117 22.46 3.28 9.90
N LYS A 118 23.60 3.32 9.20
CA LYS A 118 24.01 2.18 8.38
C LYS A 118 24.29 0.96 9.22
N ALA A 119 24.90 1.14 10.39
CA ALA A 119 25.18 0.01 11.27
C ALA A 119 23.89 -0.62 11.78
N ALA A 120 22.91 0.20 12.16
CA ALA A 120 21.63 -0.34 12.60
C ALA A 120 20.92 -1.07 11.46
N ALA A 121 20.96 -0.51 10.25
CA ALA A 121 20.34 -1.17 9.11
C ALA A 121 21.02 -2.49 8.79
N LEU A 122 22.36 -2.52 8.91
CA LEU A 122 23.08 -3.77 8.68
C LEU A 122 22.74 -4.82 9.72
N ALA A 123 22.61 -4.41 10.99
CA ALA A 123 22.22 -5.35 12.02
C ALA A 123 20.85 -5.94 11.74
N SER A 124 19.89 -5.10 11.35
CA SER A 124 18.55 -5.61 11.06
C SER A 124 18.56 -6.48 9.80
N LEU A 125 19.41 -6.15 8.83
CA LEU A 125 19.54 -6.98 7.63
C LEU A 125 20.06 -8.36 7.96
N LYS A 126 21.10 -8.44 8.80
CA LYS A 126 21.63 -9.74 9.18
C LYS A 126 20.65 -10.52 10.03
N LYS A 127 19.80 -9.82 10.79
CA LYS A 127 18.82 -10.52 11.61
C LYS A 127 17.66 -11.06 10.77
N TYR A 128 17.15 -10.27 9.83
CA TYR A 128 15.89 -10.59 9.16
C TYR A 128 15.98 -10.78 7.66
N GLY A 129 17.04 -10.33 7.00
CA GLY A 129 17.03 -10.25 5.56
C GLY A 129 16.36 -8.98 5.08
N VAL A 130 16.10 -8.92 3.78
CA VAL A 130 15.58 -7.71 3.16
C VAL A 130 14.06 -7.65 3.26
N GLY A 131 13.38 -8.61 2.65
CA GLY A 131 11.94 -8.50 2.53
C GLY A 131 11.19 -9.05 3.72
N THR A 132 9.92 -8.66 3.81
CA THR A 132 9.02 -9.11 4.86
C THR A 132 8.11 -10.25 4.42
N CYS A 133 7.91 -10.41 3.12
CA CYS A 133 7.17 -11.52 2.52
C CYS A 133 5.71 -11.56 2.96
N GLY A 134 5.07 -10.42 3.18
CA GLY A 134 3.67 -10.41 3.53
C GLY A 134 3.18 -9.09 4.10
N PRO A 135 1.87 -8.94 4.17
CA PRO A 135 1.30 -7.72 4.76
C PRO A 135 1.38 -7.76 6.28
N ARG A 136 1.09 -6.61 6.89
CA ARG A 136 1.09 -6.54 8.35
C ARG A 136 0.10 -7.52 8.95
N GLY A 137 -0.98 -7.82 8.23
CA GLY A 137 -1.95 -8.78 8.74
C GLY A 137 -1.43 -10.20 8.77
N PHE A 138 -0.68 -10.61 7.76
CA PHE A 138 -0.24 -11.99 7.61
C PHE A 138 1.27 -12.07 7.82
N TYR A 139 1.69 -12.16 9.09
CA TYR A 139 3.08 -12.43 9.42
C TYR A 139 4.05 -11.46 8.76
N GLY A 140 3.58 -10.27 8.41
CA GLY A 140 4.45 -9.25 7.90
C GLY A 140 4.79 -8.23 8.96
N THR A 141 4.26 -8.45 10.16
CA THR A 141 4.56 -7.61 11.31
C THR A 141 5.77 -8.18 12.02
N PHE A 142 6.88 -7.45 11.96
CA PHE A 142 8.07 -7.80 12.71
C PHE A 142 8.10 -7.01 14.01
N ASP A 143 8.98 -7.39 14.92
CA ASP A 143 9.11 -6.62 16.14
C ASP A 143 9.68 -5.24 15.87
N VAL A 144 10.41 -5.08 14.76
CA VAL A 144 10.95 -3.77 14.41
C VAL A 144 9.83 -2.82 14.05
N HIS A 145 8.75 -3.33 13.44
CA HIS A 145 7.63 -2.46 13.09
C HIS A 145 6.92 -1.94 14.32
N LEU A 146 6.66 -2.82 15.30
CA LEU A 146 6.06 -2.37 16.55
C LEU A 146 6.99 -1.44 17.29
N ASP A 147 8.29 -1.74 17.27
CA ASP A 147 9.27 -0.87 17.91
C ASP A 147 9.27 0.52 17.27
N LEU A 148 9.22 0.58 15.94
CA LEU A 148 9.23 1.86 15.25
C LEU A 148 7.96 2.63 15.52
N GLU A 149 6.82 1.95 15.52
CA GLU A 149 5.55 2.63 15.83
C GLU A 149 5.56 3.18 17.23
N ASP A 150 6.05 2.40 18.19
CA ASP A 150 6.14 2.86 19.57
C ASP A 150 7.08 4.05 19.70
N ARG A 151 8.24 3.99 19.03
CA ARG A 151 9.20 5.08 19.09
C ARG A 151 8.63 6.35 18.48
N LEU A 152 7.93 6.24 17.36
CA LEU A 152 7.33 7.41 16.73
C LEU A 152 6.24 8.00 17.60
N ALA A 153 5.41 7.16 18.20
CA ALA A 153 4.36 7.66 19.08
C ALA A 153 4.95 8.38 20.29
N LYS A 154 6.02 7.84 20.86
CA LYS A 154 6.65 8.48 22.00
C LYS A 154 7.38 9.76 21.59
N PHE A 155 7.96 9.77 20.39
CA PHE A 155 8.63 10.97 19.89
C PHE A 155 7.64 12.11 19.67
N MET A 156 6.48 11.80 19.09
CA MET A 156 5.51 12.82 18.76
C MET A 156 4.56 13.14 19.90
N LYS A 157 4.72 12.49 21.06
CA LYS A 157 3.89 12.74 22.23
C LYS A 157 2.42 12.40 21.98
N THR A 158 2.18 11.41 21.12
CA THR A 158 0.83 10.98 20.78
C THR A 158 0.58 9.57 21.31
N GLU A 159 -0.68 9.14 21.20
CA GLU A 159 -1.04 7.82 21.71
C GLU A 159 -0.57 6.71 20.79
N GLU A 160 -0.73 6.88 19.47
CA GLU A 160 -0.45 5.79 18.55
C GLU A 160 0.12 6.35 17.24
N ALA A 161 0.86 5.49 16.55
CA ALA A 161 1.37 5.74 15.22
C ALA A 161 1.22 4.49 14.38
N ILE A 162 1.10 4.68 13.07
CA ILE A 162 0.92 3.59 12.12
C ILE A 162 1.91 3.79 10.98
N ILE A 163 2.57 2.70 10.57
CA ILE A 163 3.66 2.74 9.62
C ILE A 163 3.18 2.22 8.28
N TYR A 164 3.35 3.04 7.24
CA TYR A 164 3.12 2.65 5.86
C TYR A 164 4.47 2.42 5.19
N SER A 165 4.48 1.54 4.19
CA SER A 165 5.73 1.16 3.55
C SER A 165 6.08 2.10 2.41
N TYR A 166 5.26 3.12 2.16
CA TYR A 166 5.47 4.03 1.04
C TYR A 166 5.02 5.43 1.43
N GLY A 167 5.84 6.42 1.11
CA GLY A 167 5.58 7.78 1.58
C GLY A 167 4.36 8.43 0.97
N PHE A 168 4.11 8.21 -0.31
CA PHE A 168 2.91 8.72 -0.95
C PHE A 168 1.67 8.07 -0.36
N ALA A 169 1.74 6.76 -0.16
CA ALA A 169 0.56 5.99 0.22
C ALA A 169 0.06 6.33 1.61
N THR A 170 0.93 6.79 2.51
CA THR A 170 0.47 7.02 3.88
C THR A 170 -0.66 8.02 3.92
N ILE A 171 -0.49 9.20 3.31
CA ILE A 171 -1.57 10.17 3.28
C ILE A 171 -2.59 9.88 2.18
N ALA A 172 -2.16 9.34 1.03
CA ALA A 172 -3.10 8.98 -0.02
C ALA A 172 -4.09 7.90 0.43
N SER A 173 -3.79 7.19 1.52
CA SER A 173 -4.69 6.20 2.09
C SER A 173 -5.29 6.64 3.41
N ALA A 174 -4.60 7.52 4.15
CA ALA A 174 -5.18 8.04 5.38
C ALA A 174 -6.39 8.91 5.10
N ILE A 175 -6.32 9.77 4.08
CA ILE A 175 -7.45 10.66 3.78
C ILE A 175 -8.71 9.88 3.41
N PRO A 176 -8.69 8.92 2.48
CA PRO A 176 -9.93 8.22 2.13
C PRO A 176 -10.54 7.42 3.26
N ALA A 177 -9.75 6.99 4.24
CA ALA A 177 -10.24 6.13 5.31
C ALA A 177 -11.30 6.84 6.15
N TYR A 178 -11.09 8.13 6.40
CA TYR A 178 -11.99 8.87 7.28
C TYR A 178 -13.03 9.64 6.49
N SER A 179 -12.68 10.13 5.31
CA SER A 179 -13.58 10.92 4.49
C SER A 179 -14.32 10.02 3.51
N LYS A 180 -15.63 10.12 3.48
CA LYS A 180 -16.49 9.27 2.67
C LYS A 180 -17.33 10.14 1.74
N ARG A 181 -18.29 9.52 1.07
CA ARG A 181 -19.23 10.27 0.24
C ARG A 181 -20.07 11.19 1.11
N GLY A 182 -20.25 12.42 0.63
CA GLY A 182 -21.06 13.39 1.33
C GLY A 182 -20.32 14.24 2.33
N ASP A 183 -19.10 13.88 2.70
CA ASP A 183 -18.31 14.69 3.60
C ASP A 183 -17.75 15.90 2.85
N ILE A 184 -17.38 16.93 3.60
CA ILE A 184 -16.85 18.16 3.04
C ILE A 184 -15.43 18.33 3.54
N VAL A 185 -14.49 18.44 2.61
CA VAL A 185 -13.07 18.62 2.94
C VAL A 185 -12.65 20.00 2.47
N PHE A 186 -12.10 20.78 3.39
CA PHE A 186 -11.54 22.08 3.07
C PHE A 186 -10.03 21.95 3.02
N VAL A 187 -9.47 21.96 1.81
CA VAL A 187 -8.06 21.69 1.60
C VAL A 187 -7.40 22.93 1.02
N ASP A 188 -6.20 23.23 1.51
CA ASP A 188 -5.40 24.30 0.94
C ASP A 188 -5.16 24.00 -0.53
N ARG A 189 -5.27 25.02 -1.37
CA ARG A 189 -5.13 24.80 -2.81
C ARG A 189 -3.71 24.39 -3.17
N ALA A 190 -2.73 24.83 -2.38
CA ALA A 190 -1.33 24.49 -2.63
C ALA A 190 -0.93 23.25 -1.82
N ALA A 191 -1.73 22.21 -1.98
CA ALA A 191 -1.50 20.93 -1.31
C ALA A 191 -0.76 19.99 -2.24
N CYS A 192 0.04 19.11 -1.64
CA CYS A 192 0.86 18.20 -2.41
C CYS A 192 0.00 17.22 -3.17
N PHE A 193 0.61 16.57 -4.18
CA PHE A 193 -0.13 15.66 -5.03
C PHE A 193 -0.68 14.46 -4.27
N ALA A 194 0.04 14.01 -3.24
CA ALA A 194 -0.44 12.89 -2.44
C ALA A 194 -1.74 13.24 -1.74
N ILE A 195 -1.84 14.46 -1.22
CA ILE A 195 -3.09 14.92 -0.63
C ILE A 195 -4.20 14.96 -1.68
N GLN A 196 -3.87 15.43 -2.88
CA GLN A 196 -4.87 15.49 -3.95
C GLN A 196 -5.40 14.11 -4.30
N LYS A 197 -4.51 13.11 -4.38
CA LYS A 197 -4.96 11.77 -4.73
C LYS A 197 -5.71 11.12 -3.57
N GLY A 198 -5.35 11.46 -2.34
CA GLY A 198 -6.15 11.00 -1.21
C GLY A 198 -7.54 11.61 -1.21
N LEU A 199 -7.65 12.87 -1.63
CA LEU A 199 -8.95 13.51 -1.72
C LEU A 199 -9.77 12.96 -2.87
N GLN A 200 -9.11 12.57 -3.96
CA GLN A 200 -9.81 11.99 -5.09
C GLN A 200 -10.26 10.57 -4.79
N ALA A 201 -9.44 9.81 -4.05
CA ALA A 201 -9.82 8.44 -3.72
C ALA A 201 -11.06 8.41 -2.85
N SER A 202 -11.16 9.31 -1.88
CA SER A 202 -12.43 9.55 -1.23
C SER A 202 -13.34 10.32 -2.17
N ARG A 203 -14.64 10.12 -2.01
CA ARG A 203 -15.60 10.73 -2.91
C ARG A 203 -16.26 11.95 -2.29
N SER A 204 -15.58 12.59 -1.36
CA SER A 204 -16.17 13.69 -0.61
C SER A 204 -16.10 14.99 -1.42
N ASP A 205 -16.89 15.97 -0.99
CA ASP A 205 -16.83 17.29 -1.59
C ASP A 205 -15.51 17.96 -1.22
N ILE A 206 -14.91 18.65 -2.19
CA ILE A 206 -13.62 19.29 -2.02
C ILE A 206 -13.81 20.79 -2.19
N LYS A 207 -13.39 21.56 -1.20
CA LYS A 207 -13.51 23.02 -1.20
C LYS A 207 -12.11 23.59 -1.04
N LEU A 208 -11.45 23.89 -2.15
CA LEU A 208 -10.12 24.50 -2.10
C LEU A 208 -10.23 25.93 -1.59
N PHE A 209 -9.31 26.30 -0.70
CA PHE A 209 -9.22 27.67 -0.23
C PHE A 209 -7.82 28.21 -0.52
N LYS A 210 -7.72 29.53 -0.60
CA LYS A 210 -6.50 30.16 -1.04
C LYS A 210 -5.37 29.92 -0.05
N HIS A 211 -4.15 29.93 -0.55
CA HIS A 211 -2.99 29.51 0.23
C HIS A 211 -2.82 30.33 1.50
N ASN A 212 -2.91 29.66 2.64
CA ASN A 212 -2.71 30.26 3.96
C ASN A 212 -3.66 31.41 4.22
N ASP A 213 -4.75 31.50 3.46
CA ASP A 213 -5.74 32.56 3.64
C ASP A 213 -6.79 32.05 4.61
N MET A 214 -6.80 32.61 5.83
CA MET A 214 -7.80 32.21 6.81
C MET A 214 -9.13 32.90 6.57
N ALA A 215 -9.13 34.06 5.91
CA ALA A 215 -10.38 34.68 5.54
C ALA A 215 -11.12 33.85 4.50
N ASP A 216 -10.40 33.27 3.55
CA ASP A 216 -11.04 32.42 2.55
C ASP A 216 -11.60 31.16 3.17
N LEU A 217 -10.82 30.53 4.05
CA LEU A 217 -11.29 29.34 4.75
C LEU A 217 -12.49 29.66 5.62
N GLU A 218 -12.47 30.80 6.31
CA GLU A 218 -13.59 31.16 7.17
C GLU A 218 -14.84 31.49 6.35
N ARG A 219 -14.67 32.12 5.19
CA ARG A 219 -15.80 32.36 4.30
C ARG A 219 -16.40 31.05 3.83
N LEU A 220 -15.56 30.09 3.45
CA LEU A 220 -16.06 28.78 3.04
C LEU A 220 -16.79 28.09 4.17
N LEU A 221 -16.27 28.20 5.39
CA LEU A 221 -16.90 27.57 6.54
C LEU A 221 -18.25 28.20 6.87
N LYS A 222 -18.35 29.53 6.78
CA LYS A 222 -19.63 30.19 7.00
C LYS A 222 -20.64 29.81 5.93
N GLU A 223 -20.19 29.70 4.68
CA GLU A 223 -21.10 29.24 3.63
C GLU A 223 -21.60 27.83 3.92
N GLN A 224 -20.68 26.91 4.25
CA GLN A 224 -21.10 25.56 4.61
C GLN A 224 -22.05 25.56 5.79
N GLU A 225 -21.86 26.50 6.71
CA GLU A 225 -22.82 26.66 7.81
C GLU A 225 -24.19 27.07 7.28
N ILE A 226 -24.22 27.87 6.22
CA ILE A 226 -25.49 28.24 5.61
C ILE A 226 -26.20 27.01 5.03
N GLU A 227 -25.47 26.17 4.29
CA GLU A 227 -26.12 24.94 3.82
C GLU A 227 -26.50 24.01 4.96
N ASP A 228 -25.74 24.03 6.06
CA ASP A 228 -26.15 23.27 7.23
C ASP A 228 -27.48 23.75 7.77
N GLN A 229 -27.67 25.07 7.80
CA GLN A 229 -28.96 25.61 8.24
C GLN A 229 -30.08 25.22 7.29
N LYS A 230 -29.82 25.19 5.99
CA LYS A 230 -30.87 24.85 5.03
C LYS A 230 -31.36 23.42 5.23
N ASN A 231 -30.44 22.47 5.39
CA ASN A 231 -30.81 21.08 5.60
C ASN A 231 -30.21 20.57 6.90
N PRO A 232 -30.99 20.36 7.95
CA PRO A 232 -30.40 19.94 9.23
C PRO A 232 -30.04 18.47 9.30
N ARG A 233 -30.86 17.60 8.72
CA ARG A 233 -30.67 16.17 8.93
C ARG A 233 -29.41 15.68 8.23
N LYS A 234 -29.18 16.14 7.01
CA LYS A 234 -27.95 15.79 6.31
C LYS A 234 -26.74 16.43 6.97
N ALA A 235 -26.93 17.59 7.59
CA ALA A 235 -25.84 18.23 8.32
C ALA A 235 -25.43 17.40 9.53
N ARG A 236 -26.38 16.80 10.22
CA ARG A 236 -26.06 16.03 11.42
C ARG A 236 -25.18 14.83 11.10
N VAL A 237 -25.18 14.37 9.85
CA VAL A 237 -24.38 13.22 9.46
C VAL A 237 -23.22 13.59 8.53
N THR A 238 -23.08 14.87 8.20
CA THR A 238 -22.01 15.32 7.31
C THR A 238 -20.78 15.67 8.11
N ARG A 239 -19.64 15.09 7.75
CA ARG A 239 -18.38 15.31 8.44
C ARG A 239 -17.55 16.36 7.70
N ARG A 240 -16.82 17.16 8.46
CA ARG A 240 -16.03 18.26 7.92
C ARG A 240 -14.57 18.03 8.27
N PHE A 241 -13.70 18.12 7.26
CA PHE A 241 -12.27 17.97 7.44
C PHE A 241 -11.57 19.17 6.87
N ILE A 242 -10.57 19.67 7.59
CA ILE A 242 -9.63 20.66 7.09
C ILE A 242 -8.30 19.94 6.88
N VAL A 243 -7.85 19.86 5.64
CA VAL A 243 -6.61 19.19 5.30
C VAL A 243 -5.58 20.26 4.96
N VAL A 244 -4.52 20.34 5.76
CA VAL A 244 -3.46 21.31 5.55
C VAL A 244 -2.12 20.59 5.62
N GLU A 245 -1.07 21.31 5.24
CA GLU A 245 0.28 20.79 5.27
C GLU A 245 1.11 21.70 6.16
N GLY A 246 1.85 21.09 7.09
CA GLY A 246 2.60 21.88 8.05
C GLY A 246 3.60 22.81 7.40
N LEU A 247 4.34 22.29 6.43
CA LEU A 247 5.25 23.09 5.61
C LEU A 247 5.04 22.66 4.17
N TYR A 248 4.55 23.57 3.34
CA TYR A 248 4.13 23.22 1.99
C TYR A 248 5.33 23.05 1.07
N MET A 249 5.34 21.95 0.33
CA MET A 249 6.47 21.69 -0.58
C MET A 249 6.37 22.53 -1.84
N ASN A 250 5.14 22.86 -2.27
CA ASN A 250 4.99 23.58 -3.53
C ASN A 250 5.23 25.07 -3.35
N THR A 251 5.25 25.56 -2.12
CA THR A 251 5.47 26.97 -1.86
C THR A 251 6.56 27.26 -0.85
N GLY A 252 6.95 26.29 -0.04
CA GLY A 252 7.94 26.53 1.00
C GLY A 252 7.46 27.44 2.12
N THR A 253 6.16 27.42 2.40
CA THR A 253 5.57 28.29 3.41
C THR A 253 4.96 27.43 4.51
N ILE A 254 4.67 28.09 5.64
CA ILE A 254 4.20 27.41 6.84
C ILE A 254 2.74 27.80 7.08
N CYS A 255 1.96 26.83 7.54
CA CYS A 255 0.53 27.06 7.72
C CYS A 255 0.25 27.87 8.98
N PRO A 256 -0.86 28.62 9.02
CA PRO A 256 -1.27 29.35 10.24
C PRO A 256 -2.04 28.44 11.20
N LEU A 257 -1.29 27.62 11.93
CA LEU A 257 -1.91 26.59 12.76
C LEU A 257 -2.77 27.11 13.90
N PRO A 258 -2.37 28.15 14.66
CA PRO A 258 -3.28 28.62 15.73
C PRO A 258 -4.65 29.04 15.21
N GLU A 259 -4.69 29.77 14.10
CA GLU A 259 -5.96 30.17 13.51
C GLU A 259 -6.72 28.96 12.98
N LEU A 260 -5.99 27.98 12.47
CA LEU A 260 -6.63 26.74 12.03
C LEU A 260 -7.31 26.03 13.20
N VAL A 261 -6.66 25.99 14.36
CA VAL A 261 -7.24 25.33 15.51
C VAL A 261 -8.47 26.08 16.00
N LYS A 262 -8.39 27.42 16.02
CA LYS A 262 -9.56 28.21 16.42
C LYS A 262 -10.72 27.98 15.47
N LEU A 263 -10.45 27.94 14.16
CA LEU A 263 -11.51 27.70 13.19
C LEU A 263 -12.06 26.29 13.31
N LYS A 264 -11.20 25.33 13.62
CA LYS A 264 -11.64 23.95 13.85
C LYS A 264 -12.63 23.89 14.98
N TYR A 265 -12.36 24.58 16.09
CA TYR A 265 -13.30 24.50 17.21
C TYR A 265 -14.54 25.35 16.98
N LYS A 266 -14.43 26.42 16.19
CA LYS A 266 -15.62 27.23 15.93
C LYS A 266 -16.57 26.55 14.95
N TYR A 267 -16.05 25.91 13.91
CA TYR A 267 -16.88 25.32 12.87
C TYR A 267 -16.84 23.81 12.86
N LYS A 268 -16.15 23.20 13.83
CA LYS A 268 -16.29 21.78 14.13
C LYS A 268 -15.84 20.91 12.95
N ALA A 269 -14.60 21.13 12.52
CA ALA A 269 -14.01 20.40 11.41
C ALA A 269 -12.68 19.81 11.86
N ARG A 270 -12.53 18.50 11.70
CA ARG A 270 -11.33 17.82 12.16
C ARG A 270 -10.14 18.13 11.25
N ILE A 271 -8.95 18.22 11.85
CA ILE A 271 -7.76 18.69 11.15
C ILE A 271 -6.85 17.51 10.82
N PHE A 272 -6.51 17.40 9.54
CA PHE A 272 -5.46 16.50 9.07
C PHE A 272 -4.28 17.35 8.64
N LEU A 273 -3.08 16.98 9.11
CA LEU A 273 -1.90 17.81 8.96
C LEU A 273 -0.78 17.01 8.36
N GLU A 274 -0.28 17.44 7.20
CA GLU A 274 0.82 16.78 6.51
C GLU A 274 2.13 17.38 6.98
N GLU A 275 3.04 16.52 7.43
CA GLU A 275 4.31 16.94 8.03
C GLU A 275 5.52 16.43 7.28
N SER A 276 5.41 16.18 5.98
CA SER A 276 6.51 15.59 5.23
C SER A 276 7.77 16.43 5.34
N LEU A 277 7.64 17.75 5.21
CA LEU A 277 8.82 18.61 5.28
C LEU A 277 9.11 19.04 6.70
N SER A 278 8.09 19.31 7.50
CA SER A 278 8.30 19.91 8.81
C SER A 278 8.52 18.89 9.92
N PHE A 279 8.40 17.59 9.64
CA PHE A 279 8.45 16.61 10.71
C PHE A 279 9.76 16.67 11.48
N GLY A 280 10.88 16.60 10.78
CA GLY A 280 12.18 16.60 11.42
C GLY A 280 12.96 17.89 11.33
N VAL A 281 12.33 19.02 11.02
CA VAL A 281 13.09 20.25 10.81
C VAL A 281 12.63 21.34 11.75
N LEU A 282 11.38 21.29 12.18
CA LEU A 282 10.73 22.40 12.86
C LEU A 282 10.45 22.04 14.31
N GLY A 283 10.52 23.04 15.18
CA GLY A 283 10.39 22.83 16.60
C GLY A 283 11.76 22.71 17.27
N GLU A 284 11.78 22.94 18.58
CA GLU A 284 13.02 22.82 19.33
C GLU A 284 13.56 21.40 19.27
N HIS A 285 12.68 20.42 19.40
CA HIS A 285 13.05 19.01 19.33
C HIS A 285 12.69 18.39 17.99
N GLY A 286 12.42 19.20 16.97
CA GLY A 286 12.17 18.69 15.64
C GLY A 286 10.96 17.80 15.57
N ARG A 287 9.86 18.24 16.16
CA ARG A 287 8.65 17.45 16.23
C ARG A 287 7.56 17.94 15.29
N GLY A 288 7.81 19.00 14.55
CA GLY A 288 6.87 19.46 13.55
C GLY A 288 6.43 20.90 13.79
N VAL A 289 5.39 21.29 13.06
CA VAL A 289 4.88 22.64 13.16
C VAL A 289 4.08 22.84 14.44
N THR A 290 3.56 21.76 15.02
CA THR A 290 2.86 21.88 16.29
C THR A 290 3.80 22.36 17.38
N GLU A 291 5.03 21.84 17.43
CA GLU A 291 5.99 22.32 18.41
C GLU A 291 6.47 23.72 18.07
N HIS A 292 6.54 24.04 16.77
CA HIS A 292 6.96 25.36 16.35
C HIS A 292 5.98 26.42 16.86
N TYR A 293 4.69 26.18 16.71
CA TYR A 293 3.67 27.13 17.12
C TYR A 293 3.25 26.98 18.58
N GLY A 294 3.64 25.89 19.23
CA GLY A 294 3.22 25.66 20.60
C GLY A 294 1.86 25.05 20.75
N ILE A 295 1.27 24.56 19.66
CA ILE A 295 -0.06 23.97 19.72
C ILE A 295 0.02 22.61 20.40
N ASN A 296 -0.97 22.31 21.24
CA ASN A 296 -1.10 20.97 21.79
C ASN A 296 -1.40 20.00 20.65
N ILE A 297 -0.72 18.85 20.66
CA ILE A 297 -0.86 17.92 19.55
C ILE A 297 -2.20 17.21 19.60
N ASP A 298 -2.94 17.35 20.71
CA ASP A 298 -4.27 16.77 20.78
C ASP A 298 -5.27 17.53 19.94
N ASP A 299 -5.02 18.82 19.69
CA ASP A 299 -5.90 19.63 18.87
C ASP A 299 -5.84 19.26 17.39
N ILE A 300 -4.88 18.45 16.98
CA ILE A 300 -4.73 18.00 15.60
C ILE A 300 -5.21 16.56 15.53
N ASP A 301 -6.19 16.30 14.67
CA ASP A 301 -6.82 14.98 14.66
C ASP A 301 -5.92 13.92 14.02
N LEU A 302 -5.24 14.27 12.93
CA LEU A 302 -4.28 13.33 12.33
C LEU A 302 -3.04 14.09 11.92
N ILE A 303 -1.87 13.49 12.15
CA ILE A 303 -0.61 14.05 11.69
C ILE A 303 0.11 13.01 10.85
N SER A 304 0.27 13.26 9.56
CA SER A 304 0.89 12.32 8.64
C SER A 304 2.19 12.89 8.12
N ALA A 305 3.24 12.09 8.14
CA ALA A 305 4.51 12.46 7.56
C ALA A 305 5.07 11.26 6.82
N ASN A 306 6.13 11.47 6.05
CA ASN A 306 6.87 10.36 5.46
C ASN A 306 8.24 10.27 6.10
N MET A 307 8.74 9.05 6.22
CA MET A 307 10.02 8.80 6.84
C MET A 307 11.18 8.98 5.89
N GLU A 308 10.95 9.62 4.74
CA GLU A 308 11.91 9.63 3.64
C GLU A 308 12.75 10.90 3.57
N ASN A 309 12.33 11.98 4.21
CA ASN A 309 13.04 13.25 4.08
C ASN A 309 14.03 13.47 5.22
N ALA A 310 13.55 13.53 6.45
CA ALA A 310 14.46 13.75 7.57
C ALA A 310 15.01 12.45 8.11
N LEU A 311 14.17 11.41 8.18
CA LEU A 311 14.63 10.12 8.65
C LEU A 311 15.50 9.42 7.63
N ALA A 312 15.40 9.81 6.36
CA ALA A 312 16.24 9.30 5.28
C ALA A 312 16.12 7.79 5.12
N SER A 313 14.89 7.29 5.13
CA SER A 313 14.60 5.90 4.85
C SER A 313 13.22 5.80 4.24
N ILE A 314 12.96 4.69 3.55
CA ILE A 314 11.68 4.54 2.87
C ILE A 314 10.55 4.39 3.88
N GLY A 315 9.39 4.97 3.58
CA GLY A 315 8.22 4.74 4.38
C GLY A 315 7.49 6.00 4.82
N GLY A 316 6.33 5.83 5.45
CA GLY A 316 5.60 6.94 6.01
C GLY A 316 4.95 6.52 7.31
N PHE A 317 4.38 7.50 8.01
CA PHE A 317 3.67 7.20 9.24
C PHE A 317 2.56 8.22 9.46
N CYS A 318 1.58 7.79 10.24
CA CYS A 318 0.48 8.65 10.68
C CYS A 318 0.33 8.49 12.18
N CYS A 319 0.28 9.60 12.89
CA CYS A 319 0.22 9.58 14.34
C CYS A 319 -0.99 10.37 14.83
N GLY A 320 -1.48 9.96 15.99
CA GLY A 320 -2.62 10.60 16.60
C GLY A 320 -3.15 9.75 17.73
N ARG A 321 -4.36 10.09 18.17
CA ARG A 321 -5.03 9.29 19.19
C ARG A 321 -5.38 7.92 18.64
N SER A 322 -5.36 6.92 19.51
CA SER A 322 -5.67 5.56 19.09
C SER A 322 -7.07 5.46 18.51
N PHE A 323 -7.99 6.28 19.01
CA PHE A 323 -9.34 6.31 18.48
C PHE A 323 -9.35 6.59 16.98
N VAL A 324 -8.39 7.39 16.51
CA VAL A 324 -8.32 7.73 15.09
C VAL A 324 -7.43 6.75 14.34
N ILE A 325 -6.29 6.39 14.94
CA ILE A 325 -5.29 5.59 14.23
C ILE A 325 -5.78 4.16 14.03
N ASP A 326 -6.49 3.60 15.01
CA ASP A 326 -6.90 2.20 14.92
C ASP A 326 -7.78 1.93 13.71
N HIS A 327 -8.43 2.96 13.17
CA HIS A 327 -9.26 2.77 11.99
C HIS A 327 -8.44 2.39 10.77
N GLN A 328 -7.26 2.99 10.62
CA GLN A 328 -6.48 2.83 9.41
C GLN A 328 -5.94 1.41 9.24
N ARG A 329 -5.77 0.69 10.35
CA ARG A 329 -5.22 -0.65 10.26
C ARG A 329 -6.12 -1.60 9.51
N LEU A 330 -7.41 -1.26 9.39
CA LEU A 330 -8.34 -2.04 8.59
C LEU A 330 -8.92 -1.26 7.43
N SER A 331 -8.82 0.07 7.43
CA SER A 331 -9.38 0.90 6.37
C SER A 331 -8.31 1.48 5.45
N GLY A 332 -7.06 1.55 5.88
CA GLY A 332 -6.01 2.10 5.05
C GLY A 332 -5.59 1.11 3.97
N GLN A 333 -5.92 1.42 2.71
CA GLN A 333 -5.69 0.48 1.64
C GLN A 333 -4.19 0.24 1.43
N GLY A 334 -3.38 1.30 1.49
CA GLY A 334 -1.95 1.12 1.36
C GLY A 334 -1.34 0.37 2.51
N TYR A 335 -2.09 0.22 3.60
CA TYR A 335 -1.61 -0.51 4.76
C TYR A 335 -2.08 -1.96 4.73
N CYS A 336 -3.37 -2.18 4.46
CA CYS A 336 -3.91 -3.53 4.50
C CYS A 336 -3.43 -4.37 3.34
N PHE A 337 -3.39 -3.79 2.14
CA PHE A 337 -3.18 -4.55 0.91
C PHE A 337 -1.78 -4.39 0.35
N SER A 338 -0.83 -3.99 1.18
CA SER A 338 0.55 -3.88 0.75
C SER A 338 1.46 -4.53 1.78
N ALA A 339 2.59 -5.03 1.31
CA ALA A 339 3.56 -5.64 2.20
C ALA A 339 4.16 -4.59 3.14
N SER A 340 4.54 -5.05 4.32
CA SER A 340 5.08 -4.16 5.31
C SER A 340 6.48 -3.68 4.93
N LEU A 341 6.95 -2.67 5.64
CA LEU A 341 8.24 -2.07 5.34
C LEU A 341 9.36 -3.06 5.66
N PRO A 342 10.38 -3.15 4.81
CA PRO A 342 11.51 -4.03 5.09
C PRO A 342 12.16 -3.71 6.42
N PRO A 343 12.57 -4.72 7.18
CA PRO A 343 13.09 -4.46 8.54
C PRO A 343 14.33 -3.58 8.58
N LEU A 344 15.17 -3.61 7.55
CA LEU A 344 16.37 -2.77 7.59
C LEU A 344 16.00 -1.30 7.50
N LEU A 345 14.97 -0.97 6.71
CA LEU A 345 14.48 0.39 6.63
C LEU A 345 13.86 0.83 7.95
N ALA A 346 13.13 -0.08 8.59
CA ALA A 346 12.56 0.24 9.90
C ALA A 346 13.65 0.49 10.93
N ALA A 347 14.72 -0.31 10.91
CA ALA A 347 15.81 -0.10 11.85
C ALA A 347 16.57 1.19 11.55
N ALA A 348 16.72 1.53 10.27
CA ALA A 348 17.32 2.81 9.91
C ALA A 348 16.48 3.97 10.44
N ALA A 349 15.16 3.86 10.33
CA ALA A 349 14.30 4.91 10.86
C ALA A 349 14.39 4.98 12.38
N ILE A 350 14.46 3.84 13.05
CA ILE A 350 14.59 3.83 14.51
C ILE A 350 15.90 4.49 14.93
N GLU A 351 16.99 4.19 14.23
CA GLU A 351 18.26 4.81 14.58
C GLU A 351 18.26 6.30 14.29
N ALA A 352 17.58 6.71 13.22
CA ALA A 352 17.44 8.14 12.96
C ALA A 352 16.67 8.82 14.08
N LEU A 353 15.62 8.17 14.59
CA LEU A 353 14.90 8.71 15.73
C LEU A 353 15.79 8.82 16.96
N ASN A 354 16.62 7.79 17.20
CA ASN A 354 17.56 7.85 18.31
C ASN A 354 18.50 9.04 18.17
N ILE A 355 19.02 9.26 16.97
CA ILE A 355 19.99 10.33 16.75
C ILE A 355 19.33 11.69 16.91
N MET A 356 18.08 11.82 16.44
CA MET A 356 17.36 13.08 16.61
C MET A 356 17.08 13.35 18.08
N GLU A 357 16.70 12.32 18.84
CA GLU A 357 16.41 12.51 20.25
C GLU A 357 17.67 12.84 21.05
N GLU A 358 18.79 12.18 20.75
CA GLU A 358 20.01 12.40 21.51
C GLU A 358 20.56 13.81 21.28
N ASN A 359 20.51 14.30 20.05
CA ASN A 359 21.04 15.62 19.71
C ASN A 359 19.95 16.48 19.09
N PRO A 360 19.29 17.33 19.86
CA PRO A 360 18.34 18.30 19.27
C PRO A 360 18.96 19.61 18.81
N GLY A 361 20.29 19.72 18.74
CA GLY A 361 20.90 20.90 18.16
C GLY A 361 20.97 20.86 16.65
N ILE A 362 20.72 19.69 16.05
CA ILE A 362 20.71 19.58 14.60
C ILE A 362 19.62 20.46 14.00
N PHE A 363 18.50 20.59 14.70
CA PHE A 363 17.43 21.46 14.22
C PHE A 363 17.84 22.92 14.28
N ALA A 364 18.62 23.30 15.30
CA ALA A 364 19.13 24.65 15.37
C ALA A 364 20.12 24.95 14.25
N VAL A 365 21.04 24.03 13.97
CA VAL A 365 21.99 24.27 12.90
C VAL A 365 21.29 24.26 11.54
N LEU A 366 20.27 23.41 11.38
CA LEU A 366 19.48 23.43 10.16
C LEU A 366 18.79 24.78 10.00
N LYS A 367 18.22 25.30 11.09
CA LYS A 367 17.56 26.60 11.03
C LYS A 367 18.53 27.70 10.63
N GLU A 368 19.73 27.71 11.20
CA GLU A 368 20.67 28.79 10.89
C GLU A 368 21.15 28.69 9.44
N LYS A 369 21.38 27.46 8.95
CA LYS A 369 21.78 27.29 7.56
C LYS A 369 20.68 27.72 6.61
N CYS A 370 19.42 27.38 6.94
CA CYS A 370 18.31 27.83 6.12
C CYS A 370 18.23 29.35 6.08
N GLY A 371 18.37 30.00 7.24
CA GLY A 371 18.37 31.45 7.24
C GLY A 371 19.50 32.04 6.43
N GLN A 372 20.69 31.44 6.52
CA GLN A 372 21.84 31.94 5.78
C GLN A 372 21.61 31.87 4.27
N ILE A 373 21.19 30.70 3.78
CA ILE A 373 21.00 30.56 2.35
C ILE A 373 19.84 31.41 1.86
N HIS A 374 18.78 31.53 2.67
CA HIS A 374 17.66 32.37 2.29
C HIS A 374 18.07 33.83 2.17
N LYS A 375 18.86 34.33 3.12
CA LYS A 375 19.31 35.71 3.05
C LYS A 375 20.26 35.92 1.89
N ALA A 376 21.17 34.97 1.66
CA ALA A 376 22.15 35.12 0.59
C ALA A 376 21.48 35.11 -0.78
N LEU A 377 20.46 34.27 -0.96
CA LEU A 377 19.78 34.19 -2.25
C LEU A 377 18.90 35.39 -2.55
N GLN A 378 18.66 36.27 -1.57
CA GLN A 378 17.85 37.45 -1.84
C GLN A 378 18.62 38.42 -2.73
N GLY A 379 17.94 38.92 -3.76
CA GLY A 379 18.52 39.91 -4.64
C GLY A 379 18.95 39.42 -6.00
N ILE A 380 18.58 38.20 -6.38
CA ILE A 380 18.91 37.71 -7.71
C ILE A 380 18.19 38.56 -8.74
N SER A 381 18.89 38.89 -9.83
CA SER A 381 18.34 39.85 -10.79
C SER A 381 17.08 39.33 -11.45
N GLY A 382 17.04 38.06 -11.82
CA GLY A 382 15.90 37.54 -12.54
C GLY A 382 15.11 36.47 -11.83
N LEU A 383 15.48 36.17 -10.58
CA LEU A 383 14.83 35.12 -9.81
C LEU A 383 14.30 35.70 -8.51
N LYS A 384 13.21 35.12 -8.02
CA LYS A 384 12.64 35.48 -6.73
C LYS A 384 12.58 34.24 -5.85
N VAL A 385 12.94 34.41 -4.58
CA VAL A 385 12.96 33.31 -3.62
C VAL A 385 11.54 33.14 -3.09
N VAL A 386 10.96 31.97 -3.31
CA VAL A 386 9.62 31.67 -2.86
C VAL A 386 9.72 30.66 -1.71
N GLY A 387 9.35 31.09 -0.53
CA GLY A 387 9.47 30.26 0.65
C GLY A 387 9.74 31.11 1.86
N GLU A 388 9.87 30.42 2.99
CA GLU A 388 10.11 31.06 4.27
C GLU A 388 11.51 30.73 4.77
N SER A 389 12.05 31.62 5.61
CA SER A 389 13.41 31.47 6.08
C SER A 389 13.61 30.18 6.85
N LEU A 390 12.54 29.67 7.46
CA LEU A 390 12.65 28.47 8.29
C LEU A 390 12.42 27.21 7.48
N SER A 391 12.16 27.34 6.19
CA SER A 391 11.95 26.17 5.35
C SER A 391 13.27 25.63 4.85
N PRO A 392 13.54 24.33 5.00
CA PRO A 392 14.77 23.76 4.42
C PRO A 392 14.71 23.67 2.90
N ALA A 393 13.54 23.40 2.35
CA ALA A 393 13.36 23.34 0.90
C ALA A 393 12.48 24.51 0.48
N PHE A 394 13.00 25.37 -0.37
CA PHE A 394 12.24 26.46 -0.95
C PHE A 394 12.51 26.51 -2.44
N HIS A 395 12.01 27.57 -3.08
CA HIS A 395 11.96 27.63 -4.52
C HIS A 395 12.62 28.91 -5.03
N LEU A 396 12.96 28.89 -6.31
CA LEU A 396 13.59 30.00 -7.02
C LEU A 396 12.79 30.16 -8.31
N GLN A 397 11.75 31.00 -8.26
CA GLN A 397 10.90 31.16 -9.42
C GLN A 397 11.35 32.34 -10.26
N LEU A 398 10.83 32.44 -11.47
CA LEU A 398 11.18 33.53 -12.36
C LEU A 398 10.37 34.77 -12.00
N GLU A 399 11.06 35.91 -11.81
CA GLU A 399 10.36 37.14 -11.52
C GLU A 399 9.44 37.55 -12.67
N GLU A 400 9.96 37.50 -13.89
CA GLU A 400 9.18 37.76 -15.09
C GLU A 400 9.10 36.48 -15.90
N SER A 401 7.91 35.92 -16.00
CA SER A 401 7.69 34.67 -16.70
C SER A 401 7.27 34.96 -18.13
N THR A 402 7.93 34.31 -19.08
CA THR A 402 7.45 34.33 -20.45
C THR A 402 6.10 33.64 -20.53
N GLY A 403 5.33 33.99 -21.56
CA GLY A 403 3.98 33.45 -21.67
C GLY A 403 3.97 31.94 -21.73
N SER A 404 4.96 31.35 -22.39
CA SER A 404 5.01 29.89 -22.52
C SER A 404 5.69 29.29 -21.30
N ARG A 405 5.06 28.27 -20.72
CA ARG A 405 5.63 27.63 -19.55
C ARG A 405 6.87 26.81 -19.89
N GLU A 406 6.88 26.17 -21.06
CA GLU A 406 8.03 25.34 -21.42
C GLU A 406 9.27 26.21 -21.67
N GLN A 407 9.08 27.44 -22.12
CA GLN A 407 10.20 28.37 -22.20
C GLN A 407 10.78 28.65 -20.82
N ASP A 408 9.91 28.84 -19.82
CA ASP A 408 10.38 29.04 -18.46
C ASP A 408 11.12 27.82 -17.95
N VAL A 409 10.60 26.63 -18.25
CA VAL A 409 11.26 25.40 -17.85
C VAL A 409 12.64 25.28 -18.50
N ARG A 410 12.74 25.66 -19.78
CA ARG A 410 14.02 25.62 -20.46
C ARG A 410 15.01 26.61 -19.87
N LEU A 411 14.54 27.80 -19.49
CA LEU A 411 15.42 28.77 -18.85
C LEU A 411 15.93 28.24 -17.50
N LEU A 412 15.03 27.69 -16.70
CA LEU A 412 15.42 27.16 -15.41
C LEU A 412 16.38 25.99 -15.57
N GLN A 413 16.17 25.17 -16.59
CA GLN A 413 17.07 24.05 -16.84
C GLN A 413 18.43 24.54 -17.34
N GLU A 414 18.45 25.65 -18.07
CA GLU A 414 19.73 26.26 -18.44
C GLU A 414 20.51 26.66 -17.20
N ILE A 415 19.82 27.31 -16.25
CA ILE A 415 20.48 27.68 -14.99
C ILE A 415 20.97 26.43 -14.27
N VAL A 416 20.13 25.40 -14.20
CA VAL A 416 20.48 24.18 -13.47
C VAL A 416 21.68 23.50 -14.10
N ASP A 417 21.72 23.42 -15.43
CA ASP A 417 22.82 22.76 -16.11
C ASP A 417 24.12 23.53 -15.94
N GLN A 418 24.07 24.86 -16.06
CA GLN A 418 25.28 25.63 -15.87
C GLN A 418 25.76 25.56 -14.42
N CYS A 419 24.83 25.34 -13.48
CA CYS A 419 25.22 25.17 -12.09
C CYS A 419 25.86 23.81 -11.84
N MET A 420 25.34 22.76 -12.48
CA MET A 420 26.00 21.45 -12.36
C MET A 420 27.36 21.44 -13.02
N ASN A 421 27.57 22.23 -14.07
CA ASN A 421 28.92 22.39 -14.57
C ASN A 421 29.82 23.13 -13.58
N ARG A 422 29.24 23.75 -12.55
CA ARG A 422 29.98 24.49 -11.54
C ARG A 422 29.90 23.83 -10.17
N SER A 423 29.76 22.51 -10.12
CA SER A 423 29.85 21.73 -8.89
C SER A 423 28.72 22.02 -7.92
N ILE A 424 27.49 22.21 -8.42
CA ILE A 424 26.32 22.39 -7.58
C ILE A 424 25.18 21.57 -8.16
N ALA A 425 24.66 20.65 -7.37
CA ALA A 425 23.57 19.79 -7.81
C ALA A 425 22.25 20.42 -7.40
N LEU A 426 21.60 21.10 -8.34
CA LEU A 426 20.27 21.63 -8.15
C LEU A 426 19.29 20.82 -8.99
N THR A 427 18.02 20.87 -8.59
CA THR A 427 16.97 20.18 -9.30
C THR A 427 15.80 21.12 -9.51
N GLN A 428 15.06 20.88 -10.58
CA GLN A 428 13.89 21.67 -10.90
C GLN A 428 12.65 20.94 -10.41
N ALA A 429 11.76 21.68 -9.75
CA ALA A 429 10.55 21.08 -9.22
C ALA A 429 9.71 20.50 -10.35
N ARG A 430 9.44 19.20 -10.27
CA ARG A 430 8.77 18.47 -11.33
C ARG A 430 7.31 18.24 -10.93
N TYR A 431 6.40 18.49 -11.87
CA TYR A 431 4.98 18.32 -11.64
C TYR A 431 4.36 17.63 -12.84
N LEU A 432 3.21 17.02 -12.63
CA LEU A 432 2.36 16.55 -13.73
C LEU A 432 1.43 17.70 -14.10
N GLU A 433 1.66 18.29 -15.27
CA GLU A 433 0.98 19.52 -15.63
C GLU A 433 -0.52 19.32 -15.72
N LYS A 434 -0.96 18.22 -16.34
CA LYS A 434 -2.39 18.01 -16.55
C LYS A 434 -3.08 17.55 -15.27
N GLU A 435 -2.37 16.82 -14.41
CA GLU A 435 -3.04 16.17 -13.29
C GLU A 435 -3.11 17.09 -12.07
N GLU A 436 -2.19 18.03 -11.94
CA GLU A 436 -2.20 18.92 -10.80
C GLU A 436 -3.45 19.80 -10.81
N LYS A 437 -4.10 19.93 -9.65
CA LYS A 437 -5.26 20.81 -9.54
C LYS A 437 -4.85 22.27 -9.67
N CYS A 438 -4.03 22.75 -8.75
CA CYS A 438 -3.44 24.08 -8.83
C CYS A 438 -1.97 23.91 -9.18
N LEU A 439 -1.65 24.07 -10.46
CA LEU A 439 -0.31 23.81 -10.95
C LEU A 439 0.63 24.92 -10.49
N PRO A 440 1.70 24.60 -9.75
CA PRO A 440 2.60 25.65 -9.31
C PRO A 440 3.45 26.15 -10.47
N PRO A 441 4.00 27.35 -10.37
CA PRO A 441 4.90 27.86 -11.40
C PRO A 441 6.17 27.03 -11.46
N PRO A 442 6.81 26.96 -12.62
CA PRO A 442 8.11 26.26 -12.70
C PRO A 442 9.13 26.96 -11.80
N SER A 443 9.93 26.16 -11.10
CA SER A 443 10.89 26.72 -10.18
C SER A 443 12.07 25.77 -10.01
N ILE A 444 13.18 26.33 -9.57
CA ILE A 444 14.35 25.56 -9.16
C ILE A 444 14.25 25.35 -7.66
N ARG A 445 14.46 24.12 -7.21
CA ARG A 445 14.27 23.77 -5.81
C ARG A 445 15.61 23.83 -5.09
N VAL A 446 15.67 24.60 -4.00
CA VAL A 446 16.86 24.72 -3.18
C VAL A 446 16.58 24.02 -1.85
N VAL A 447 17.39 23.01 -1.54
CA VAL A 447 17.20 22.18 -0.36
C VAL A 447 18.44 22.31 0.51
N VAL A 448 18.24 22.58 1.79
CA VAL A 448 19.32 22.85 2.73
C VAL A 448 19.52 21.66 3.64
N THR A 449 20.77 21.40 3.99
CA THR A 449 21.16 20.22 4.76
C THR A 449 22.22 20.64 5.77
N VAL A 450 22.25 19.96 6.92
CA VAL A 450 23.24 20.27 7.93
C VAL A 450 24.63 19.90 7.46
N GLU A 451 24.73 19.05 6.44
CA GLU A 451 26.03 18.67 5.88
C GLU A 451 26.67 19.84 5.15
N GLN A 452 25.87 20.62 4.43
CA GLN A 452 26.40 21.74 3.65
C GLN A 452 26.97 22.79 4.58
N THR A 453 28.26 23.06 4.44
CA THR A 453 28.94 24.00 5.32
C THR A 453 28.56 25.44 4.97
N GLU A 454 28.97 26.37 5.85
CA GLU A 454 28.63 27.76 5.66
C GLU A 454 29.23 28.31 4.37
N GLU A 455 30.52 28.03 4.13
CA GLU A 455 31.16 28.51 2.91
C GLU A 455 30.59 27.84 1.68
N GLU A 456 30.16 26.58 1.81
CA GLU A 456 29.49 25.93 0.69
C GLU A 456 28.17 26.61 0.38
N LEU A 457 27.43 27.03 1.42
CA LEU A 457 26.19 27.76 1.19
C LEU A 457 26.45 29.09 0.51
N GLU A 458 27.46 29.84 0.96
CA GLU A 458 27.78 31.11 0.32
C GLU A 458 28.19 30.91 -1.13
N ARG A 459 29.03 29.91 -1.40
CA ARG A 459 29.46 29.63 -2.76
C ARG A 459 28.28 29.24 -3.64
N ALA A 460 27.37 28.42 -3.11
CA ALA A 460 26.20 28.03 -3.88
C ALA A 460 25.35 29.25 -4.21
N ALA A 461 25.14 30.13 -3.25
CA ALA A 461 24.37 31.34 -3.52
C ALA A 461 25.04 32.20 -4.59
N SER A 462 26.36 32.39 -4.50
CA SER A 462 27.05 33.23 -5.46
C SER A 462 27.05 32.60 -6.85
N THR A 463 27.23 31.28 -6.93
CA THR A 463 27.21 30.60 -8.21
C THR A 463 25.84 30.67 -8.85
N ILE A 464 24.78 30.47 -8.07
CA ILE A 464 23.42 30.60 -8.59
C ILE A 464 23.18 32.01 -9.07
N LYS A 465 23.62 33.01 -8.29
CA LYS A 465 23.45 34.41 -8.69
C LYS A 465 24.10 34.67 -10.04
N GLU A 466 25.37 34.29 -10.17
CA GLU A 466 26.09 34.56 -11.41
C GLU A 466 25.45 33.84 -12.60
N VAL A 467 25.13 32.55 -12.43
CA VAL A 467 24.57 31.77 -13.53
C VAL A 467 23.22 32.32 -13.94
N ALA A 468 22.37 32.64 -12.97
CA ALA A 468 21.04 33.14 -13.27
C ALA A 468 21.11 34.51 -13.93
N GLN A 469 22.03 35.36 -13.50
CA GLN A 469 22.12 36.69 -14.10
C GLN A 469 22.71 36.62 -15.50
N ALA A 470 23.51 35.59 -15.79
CA ALA A 470 23.96 35.38 -17.16
C ALA A 470 22.84 34.84 -18.05
N VAL A 471 22.09 33.86 -17.54
CA VAL A 471 21.05 33.23 -18.34
C VAL A 471 19.90 34.19 -18.59
N LEU A 472 19.50 34.94 -17.57
CA LEU A 472 18.33 35.80 -17.68
C LEU A 472 18.66 37.12 -18.35
N LEU A 473 19.94 37.39 -18.58
CA LEU A 473 20.33 38.55 -19.37
C LEU A 473 20.07 38.28 -20.85
N GLY B 53 -8.45 -19.20 -27.91
CA GLY B 53 -7.15 -19.53 -27.36
C GLY B 53 -6.91 -21.02 -27.25
N LEU B 54 -5.69 -21.45 -27.53
CA LEU B 54 -5.32 -22.86 -27.51
C LEU B 54 -4.41 -23.13 -26.31
N TYR B 55 -4.66 -24.25 -25.63
CA TYR B 55 -3.90 -24.63 -24.44
C TYR B 55 -2.98 -25.79 -24.79
N LYS B 56 -1.68 -25.60 -24.55
CA LYS B 56 -0.72 -26.65 -24.82
C LYS B 56 -0.79 -27.75 -23.76
N ARG B 57 -0.93 -27.37 -22.50
CA ARG B 57 -1.11 -28.29 -21.40
C ARG B 57 -2.54 -28.20 -20.88
N PRO B 58 -3.06 -29.27 -20.28
CA PRO B 58 -4.41 -29.21 -19.70
C PRO B 58 -4.52 -28.14 -18.62
N PHE B 59 -5.69 -27.54 -18.53
CA PHE B 59 -5.98 -26.45 -17.61
C PHE B 59 -7.02 -26.93 -16.60
N ASN B 60 -6.56 -27.34 -15.42
CA ASN B 60 -7.40 -28.05 -14.46
C ASN B 60 -7.62 -27.19 -13.22
N GLU B 61 -8.82 -26.62 -13.11
CA GLU B 61 -9.23 -25.89 -11.91
C GLU B 61 -10.54 -26.47 -11.40
N ALA B 62 -10.73 -26.41 -10.09
CA ALA B 62 -11.93 -26.91 -9.45
C ALA B 62 -12.38 -25.94 -8.36
N PHE B 63 -13.64 -25.51 -8.44
CA PHE B 63 -14.26 -24.65 -7.43
C PHE B 63 -15.56 -25.33 -7.03
N GLU B 64 -15.47 -26.26 -6.09
CA GLU B 64 -16.63 -27.03 -5.68
C GLU B 64 -17.64 -26.13 -4.99
N GLU B 65 -18.92 -26.31 -5.33
CA GLU B 65 -19.97 -25.49 -4.75
C GLU B 65 -20.10 -25.77 -3.26
N THR B 66 -20.49 -24.74 -2.52
CA THR B 66 -20.68 -24.90 -1.09
C THR B 66 -21.81 -25.89 -0.83
N PRO B 67 -21.64 -26.83 0.10
CA PRO B 67 -22.77 -27.69 0.46
C PRO B 67 -23.91 -26.86 1.01
N MET B 68 -25.14 -27.27 0.68
CA MET B 68 -26.31 -26.47 1.04
C MET B 68 -26.42 -26.33 2.56
N LEU B 69 -26.24 -27.44 3.28
CA LEU B 69 -26.34 -27.40 4.73
C LEU B 69 -25.25 -26.51 5.33
N VAL B 70 -24.04 -26.56 4.76
CA VAL B 70 -22.96 -25.74 5.28
C VAL B 70 -23.27 -24.25 5.09
N ALA B 71 -23.83 -23.90 3.93
CA ALA B 71 -24.20 -22.50 3.70
C ALA B 71 -25.30 -22.07 4.66
N VAL B 72 -26.28 -22.95 4.90
CA VAL B 72 -27.35 -22.63 5.84
C VAL B 72 -26.78 -22.38 7.23
N LEU B 73 -25.87 -23.26 7.68
CA LEU B 73 -25.28 -23.11 8.99
C LEU B 73 -24.42 -21.85 9.07
N THR B 74 -23.75 -21.50 7.97
CA THR B 74 -22.99 -20.25 7.94
C THR B 74 -23.90 -19.04 8.12
N TYR B 75 -25.05 -19.04 7.43
CA TYR B 75 -25.99 -17.95 7.61
C TYR B 75 -26.51 -17.90 9.03
N VAL B 76 -26.81 -19.06 9.62
CA VAL B 76 -27.30 -19.10 10.99
C VAL B 76 -26.26 -18.52 11.95
N GLY B 77 -25.00 -18.92 11.78
CA GLY B 77 -23.95 -18.43 12.67
C GLY B 77 -23.72 -16.94 12.53
N TYR B 78 -23.66 -16.45 11.28
CA TYR B 78 -23.50 -15.02 11.08
C TYR B 78 -24.68 -14.25 11.66
N GLY B 79 -25.89 -14.78 11.50
CA GLY B 79 -27.06 -14.10 12.02
C GLY B 79 -27.06 -14.00 13.53
N VAL B 80 -26.76 -15.12 14.21
CA VAL B 80 -26.77 -15.09 15.67
C VAL B 80 -25.65 -14.18 16.18
N LEU B 81 -24.51 -14.19 15.48
CA LEU B 81 -23.40 -13.35 15.93
C LEU B 81 -23.70 -11.87 15.70
N THR B 82 -24.47 -11.56 14.65
CA THR B 82 -24.88 -10.18 14.42
C THR B 82 -25.93 -9.74 15.44
N LEU B 83 -26.85 -10.63 15.81
CA LEU B 83 -27.79 -10.30 16.87
C LEU B 83 -27.09 -10.04 18.19
N PHE B 84 -26.07 -10.85 18.51
CA PHE B 84 -25.33 -10.63 19.74
C PHE B 84 -24.48 -9.35 19.65
N GLY B 85 -24.00 -9.02 18.46
CA GLY B 85 -23.34 -7.74 18.30
C GLY B 85 -24.28 -6.56 18.51
N TYR B 86 -25.54 -6.71 18.05
CA TYR B 86 -26.54 -5.69 18.31
C TYR B 86 -26.81 -5.56 19.81
N LEU B 87 -26.90 -6.69 20.51
CA LEU B 87 -27.07 -6.63 21.95
C LEU B 87 -25.88 -5.97 22.63
N ARG B 88 -24.67 -6.25 22.14
CA ARG B 88 -23.49 -5.63 22.72
C ARG B 88 -23.49 -4.12 22.51
N ASP B 89 -23.89 -3.67 21.32
CA ASP B 89 -23.98 -2.23 21.10
C ASP B 89 -25.05 -1.59 21.97
N PHE B 90 -26.17 -2.29 22.17
CA PHE B 90 -27.21 -1.79 23.07
C PHE B 90 -26.70 -1.70 24.50
N LEU B 91 -25.97 -2.72 24.96
CA LEU B 91 -25.44 -2.71 26.31
C LEU B 91 -24.43 -1.59 26.50
N ARG B 92 -23.57 -1.39 25.50
CA ARG B 92 -22.59 -0.31 25.57
C ARG B 92 -23.26 1.05 25.47
N TYR B 93 -24.48 1.10 24.92
CA TYR B 93 -25.17 2.38 24.75
C TYR B 93 -25.52 3.01 26.09
N TRP B 94 -26.06 2.24 27.02
CA TRP B 94 -26.36 2.78 28.34
C TRP B 94 -25.22 2.50 29.31
N ARG B 95 -24.04 2.14 28.79
CA ARG B 95 -22.83 1.89 29.58
C ARG B 95 -23.02 0.77 30.59
N ILE B 96 -23.87 -0.22 30.27
CA ILE B 96 -24.06 -1.36 31.18
C ILE B 96 -22.75 -2.11 31.36
N GLU B 97 -21.97 -2.22 30.29
CA GLU B 97 -20.62 -2.76 30.33
C GLU B 97 -19.64 -1.64 30.00
N LYS B 98 -18.43 -1.73 30.55
CA LYS B 98 -17.41 -0.73 30.27
C LYS B 98 -17.01 -0.79 28.80
N CYS B 99 -16.52 0.33 28.29
CA CYS B 99 -16.12 0.43 26.89
C CYS B 99 -14.61 0.26 26.79
N HIS B 100 -14.17 -0.90 26.30
CA HIS B 100 -12.75 -1.08 26.00
C HIS B 100 -12.33 -0.23 24.81
N HIS B 101 -13.25 -0.01 23.86
CA HIS B 101 -12.94 0.79 22.70
C HIS B 101 -12.65 2.23 23.10
N ALA B 102 -11.80 2.89 22.32
CA ALA B 102 -11.54 4.29 22.53
C ALA B 102 -12.74 5.13 22.12
N THR B 103 -12.84 6.32 22.69
CA THR B 103 -13.94 7.22 22.44
C THR B 103 -13.41 8.59 22.03
N GLU B 104 -14.26 9.35 21.33
CA GLU B 104 -13.90 10.71 20.98
C GLU B 104 -13.68 11.54 22.23
N ARG B 105 -12.73 12.46 22.14
CA ARG B 105 -12.37 13.28 23.30
C ARG B 105 -13.51 14.22 23.67
N GLU B 106 -13.52 14.63 24.94
CA GLU B 106 -14.63 15.43 25.44
C GLU B 106 -14.73 16.77 24.73
N GLU B 107 -13.60 17.34 24.34
CA GLU B 107 -13.61 18.63 23.65
C GLU B 107 -14.27 18.52 22.29
N GLN B 108 -14.28 17.33 21.71
CA GLN B 108 -14.82 17.09 20.37
C GLN B 108 -16.06 16.22 20.38
N LYS B 109 -16.83 16.22 21.47
CA LYS B 109 -18.00 15.36 21.54
C LYS B 109 -19.16 15.95 20.75
N ASP B 110 -19.16 17.27 20.54
CA ASP B 110 -20.22 17.93 19.79
C ASP B 110 -19.97 17.96 18.30
N PHE B 111 -18.89 17.34 17.82
CA PHE B 111 -18.70 17.27 16.38
C PHE B 111 -19.58 16.18 15.81
N VAL B 112 -19.77 16.20 14.49
CA VAL B 112 -20.36 15.05 13.83
C VAL B 112 -19.44 13.85 14.02
N SER B 113 -20.01 12.74 14.47
CA SER B 113 -19.20 11.60 14.89
C SER B 113 -18.31 11.12 13.74
N LEU B 114 -17.06 10.81 14.07
CA LEU B 114 -16.07 10.47 13.06
C LEU B 114 -16.46 9.21 12.31
N TYR B 115 -17.00 8.22 13.01
CA TYR B 115 -17.41 6.96 12.41
C TYR B 115 -18.90 6.76 12.61
N GLN B 116 -19.59 6.38 11.53
CA GLN B 116 -20.93 5.86 11.66
C GLN B 116 -20.87 4.47 12.29
N ASP B 117 -21.73 4.23 13.29
CA ASP B 117 -21.61 3.01 14.08
C ASP B 117 -21.75 1.77 13.21
N PHE B 118 -22.84 1.71 12.44
CA PHE B 118 -23.12 0.53 11.57
C PHE B 118 -21.93 0.24 10.64
N GLU B 119 -21.16 1.26 10.28
CA GLU B 119 -20.04 1.05 9.31
C GLU B 119 -19.01 0.10 9.92
N ASN B 120 -18.70 0.26 11.20
CA ASN B 120 -17.67 -0.59 11.87
C ASN B 120 -18.34 -1.71 12.68
N PHE B 121 -19.65 -1.91 12.51
CA PHE B 121 -20.35 -3.02 13.21
C PHE B 121 -19.55 -4.31 12.98
N TYR B 122 -19.05 -4.50 11.75
CA TYR B 122 -18.24 -5.69 11.47
C TYR B 122 -16.96 -5.70 12.30
N THR B 123 -16.25 -4.58 12.34
CA THR B 123 -14.94 -4.55 12.99
C THR B 123 -15.05 -4.80 14.48
N ARG B 124 -16.03 -4.18 15.13
CA ARG B 124 -16.12 -4.24 16.59
C ARG B 124 -16.68 -5.57 17.07
N ASN B 125 -17.66 -6.13 16.35
CA ASN B 125 -18.34 -7.32 16.84
C ASN B 125 -17.90 -8.59 16.13
N LEU B 126 -17.66 -8.50 14.82
CA LEU B 126 -17.30 -9.69 14.05
C LEU B 126 -15.81 -9.96 14.11
N TYR B 127 -15.02 -8.99 13.64
CA TYR B 127 -13.58 -9.20 13.48
C TYR B 127 -12.85 -9.19 14.81
N MET B 128 -13.29 -8.35 15.75
CA MET B 128 -12.55 -8.15 16.98
C MET B 128 -12.51 -9.42 17.82
N ARG B 129 -13.51 -10.29 17.66
CA ARG B 129 -13.58 -11.47 18.51
C ARG B 129 -12.48 -12.48 18.19
N ILE B 130 -12.07 -12.57 16.94
CA ILE B 130 -11.03 -13.51 16.53
C ILE B 130 -9.79 -12.77 16.04
N ARG B 131 -9.55 -11.57 16.55
CA ARG B 131 -8.45 -10.73 16.06
C ARG B 131 -7.08 -11.34 16.34
N ASP B 132 -6.99 -12.34 17.22
CA ASP B 132 -5.69 -12.89 17.57
C ASP B 132 -5.10 -13.72 16.44
N ASN B 133 -5.86 -13.98 15.39
CA ASN B 133 -5.38 -14.74 14.25
C ASN B 133 -4.65 -13.89 13.23
N TRP B 134 -4.54 -12.59 13.45
CA TRP B 134 -3.90 -11.70 12.51
C TRP B 134 -2.90 -10.82 13.26
N ASN B 135 -2.01 -10.21 12.48
CA ASN B 135 -1.02 -9.27 13.01
C ASN B 135 -0.12 -9.94 14.06
N ARG B 136 0.15 -11.22 13.87
CA ARG B 136 1.01 -11.94 14.80
C ARG B 136 2.45 -11.49 14.59
N PRO B 137 3.11 -10.89 15.59
CA PRO B 137 4.47 -10.41 15.39
C PRO B 137 5.45 -11.56 15.28
N ILE B 138 6.38 -11.44 14.35
CA ILE B 138 7.42 -12.43 14.14
C ILE B 138 8.76 -11.79 14.43
N CYS B 139 9.64 -12.55 15.08
CA CYS B 139 10.96 -12.07 15.46
C CYS B 139 12.07 -12.84 14.76
N SER B 140 11.81 -13.34 13.55
CA SER B 140 12.78 -14.11 12.80
C SER B 140 12.54 -13.89 11.32
N VAL B 141 13.52 -14.29 10.52
CA VAL B 141 13.41 -14.22 9.06
C VAL B 141 12.26 -15.12 8.62
N PRO B 142 11.32 -14.63 7.83
CA PRO B 142 10.14 -15.45 7.47
C PRO B 142 10.46 -16.52 6.43
N GLY B 143 11.12 -17.58 6.88
CA GLY B 143 11.46 -18.68 6.02
C GLY B 143 10.45 -19.80 6.13
N ALA B 144 10.90 -21.05 5.94
CA ALA B 144 10.03 -22.19 6.15
C ALA B 144 9.58 -22.27 7.61
N ARG B 145 10.49 -21.97 8.53
CA ARG B 145 10.19 -21.91 9.96
C ARG B 145 10.38 -20.49 10.44
N VAL B 146 9.41 -19.97 11.18
CA VAL B 146 9.45 -18.60 11.67
C VAL B 146 9.21 -18.63 13.18
N ASP B 147 9.72 -17.60 13.85
CA ASP B 147 9.55 -17.42 15.28
C ASP B 147 8.46 -16.39 15.50
N ILE B 148 7.43 -16.75 16.27
CA ILE B 148 6.30 -15.88 16.54
C ILE B 148 6.37 -15.44 17.99
N MET B 149 6.25 -14.14 18.22
CA MET B 149 6.18 -13.60 19.57
C MET B 149 4.80 -13.89 20.14
N GLU B 150 4.75 -14.73 21.17
CA GLU B 150 3.47 -15.09 21.78
C GLU B 150 2.86 -13.87 22.47
N ARG B 151 1.55 -13.70 22.30
CA ARG B 151 0.84 -12.61 22.92
C ARG B 151 -0.52 -13.11 23.41
N GLN B 152 -1.03 -12.47 24.44
CA GLN B 152 -2.29 -12.85 25.06
C GLN B 152 -3.12 -11.61 25.34
N SER B 153 -4.43 -11.81 25.42
CA SER B 153 -5.36 -10.72 25.70
C SER B 153 -6.29 -11.14 26.83
N HIS B 154 -6.40 -10.30 27.86
CA HIS B 154 -7.33 -10.53 28.95
C HIS B 154 -8.62 -9.74 28.81
N ASP B 155 -8.78 -9.00 27.71
CA ASP B 155 -10.00 -8.26 27.44
C ASP B 155 -10.60 -8.66 26.09
N TYR B 156 -10.45 -9.93 25.72
CA TYR B 156 -11.05 -10.48 24.51
C TYR B 156 -10.58 -9.73 23.26
N ASN B 157 -9.27 -9.73 23.05
CA ASN B 157 -8.59 -9.23 21.84
C ASN B 157 -8.68 -7.72 21.69
N TRP B 158 -9.21 -6.99 22.68
CA TRP B 158 -9.21 -5.54 22.58
C TRP B 158 -7.82 -4.97 22.76
N SER B 159 -7.04 -5.55 23.67
CA SER B 159 -5.64 -5.20 23.84
C SER B 159 -4.85 -6.47 24.12
N PHE B 160 -3.65 -6.55 23.56
CA PHE B 160 -2.81 -7.73 23.68
C PHE B 160 -1.64 -7.43 24.59
N LYS B 161 -1.30 -8.39 25.45
CA LYS B 161 -0.11 -8.33 26.29
C LYS B 161 0.89 -9.35 25.75
N TYR B 162 2.13 -8.93 25.58
CA TYR B 162 3.16 -9.78 24.99
C TYR B 162 3.88 -10.53 26.09
N THR B 163 3.60 -11.82 26.22
CA THR B 163 4.34 -12.66 27.14
C THR B 163 5.78 -12.80 26.66
N GLY B 164 6.67 -13.13 27.58
CA GLY B 164 8.07 -13.25 27.22
C GLY B 164 8.37 -14.42 26.31
N ASN B 165 7.49 -15.40 26.28
CA ASN B 165 7.73 -16.60 25.49
C ASN B 165 7.73 -16.29 24.00
N ILE B 166 8.55 -17.01 23.25
CA ILE B 166 8.64 -16.91 21.80
C ILE B 166 8.39 -18.28 21.23
N ILE B 167 7.43 -18.39 20.32
CA ILE B 167 7.09 -19.68 19.74
C ILE B 167 8.04 -19.95 18.57
N LYS B 168 8.95 -20.90 18.75
CA LYS B 168 10.08 -21.07 17.85
C LYS B 168 9.84 -22.25 16.91
N GLY B 169 10.29 -22.09 15.67
CA GLY B 169 10.17 -23.14 14.68
C GLY B 169 8.75 -23.41 14.22
N VAL B 170 7.97 -22.37 13.99
CA VAL B 170 6.61 -22.51 13.48
C VAL B 170 6.69 -22.75 11.98
N ILE B 171 6.03 -23.82 11.51
CA ILE B 171 5.95 -24.05 10.08
C ILE B 171 5.17 -22.91 9.43
N ASN B 172 5.82 -22.21 8.52
CA ASN B 172 5.29 -20.97 7.95
C ASN B 172 4.55 -21.28 6.66
N MET B 173 3.22 -21.16 6.71
CA MET B 173 2.38 -21.20 5.52
C MET B 173 1.77 -19.85 5.17
N GLY B 174 2.19 -18.78 5.85
CA GLY B 174 1.58 -17.49 5.61
C GLY B 174 2.42 -16.58 4.74
N SER B 175 3.74 -16.66 4.86
CA SER B 175 4.62 -15.77 4.12
C SER B 175 4.66 -16.16 2.64
N TYR B 176 5.08 -15.20 1.81
CA TYR B 176 4.94 -15.30 0.36
C TYR B 176 6.15 -15.91 -0.33
N ASN B 177 7.22 -16.24 0.39
CA ASN B 177 8.49 -16.53 -0.29
C ASN B 177 8.37 -17.85 -1.04
N TYR B 178 7.88 -17.74 -2.28
CA TYR B 178 7.62 -18.92 -3.09
C TYR B 178 8.90 -19.66 -3.44
N LEU B 179 9.96 -18.93 -3.77
CA LEU B 179 11.21 -19.53 -4.18
C LEU B 179 12.22 -19.63 -3.04
N GLY B 180 11.79 -19.31 -1.83
CA GLY B 180 12.69 -19.41 -0.69
C GLY B 180 13.84 -18.42 -0.71
N PHE B 181 13.59 -17.21 -1.17
CA PHE B 181 14.59 -16.16 -1.16
C PHE B 181 14.54 -15.33 0.11
N ALA B 182 13.67 -15.68 1.05
CA ALA B 182 13.63 -15.03 2.36
C ALA B 182 14.66 -15.71 3.25
N ARG B 183 15.90 -15.22 3.21
CA ARG B 183 16.98 -15.75 4.01
C ARG B 183 17.75 -14.60 4.62
N ASN B 184 18.34 -14.84 5.78
CA ASN B 184 19.25 -13.88 6.39
C ASN B 184 20.70 -14.20 6.10
N THR B 185 20.98 -15.21 5.29
CA THR B 185 22.32 -15.56 4.86
C THR B 185 22.29 -15.89 3.38
N GLY B 186 23.44 -15.79 2.73
CA GLY B 186 23.52 -16.12 1.32
C GLY B 186 24.12 -15.03 0.48
N SER B 187 24.09 -15.20 -0.85
CA SER B 187 24.72 -14.24 -1.73
C SER B 187 23.90 -12.96 -1.86
N CYS B 188 22.57 -13.09 -1.86
CA CYS B 188 21.71 -11.92 -1.95
C CYS B 188 21.87 -11.03 -0.72
N GLN B 189 21.97 -11.65 0.45
CA GLN B 189 22.18 -10.88 1.68
C GLN B 189 23.53 -10.18 1.65
N GLU B 190 24.58 -10.85 1.19
CA GLU B 190 25.90 -10.23 1.15
C GLU B 190 25.94 -9.06 0.16
N ALA B 191 25.32 -9.24 -1.01
CA ALA B 191 25.26 -8.15 -1.98
C ALA B 191 24.46 -6.98 -1.45
N ALA B 192 23.32 -7.25 -0.79
CA ALA B 192 22.55 -6.17 -0.19
C ALA B 192 23.33 -5.46 0.90
N ALA B 193 24.12 -6.21 1.67
CA ALA B 193 24.95 -5.58 2.71
C ALA B 193 26.00 -4.67 2.11
N LYS B 194 26.66 -5.12 1.04
CA LYS B 194 27.65 -4.28 0.39
C LYS B 194 27.02 -3.01 -0.19
N VAL B 195 25.86 -3.15 -0.83
CA VAL B 195 25.22 -1.98 -1.41
C VAL B 195 24.66 -1.06 -0.33
N LEU B 196 24.25 -1.62 0.81
CA LEU B 196 23.82 -0.80 1.93
C LEU B 196 24.98 -0.01 2.51
N GLU B 197 26.16 -0.63 2.59
CA GLU B 197 27.34 0.08 3.04
C GLU B 197 27.69 1.22 2.08
N GLU B 198 27.62 0.95 0.78
CA GLU B 198 28.02 1.96 -0.20
C GLU B 198 27.01 3.11 -0.29
N TYR B 199 25.72 2.78 -0.35
CA TYR B 199 24.67 3.75 -0.63
C TYR B 199 23.88 4.20 0.59
N GLY B 200 23.76 3.35 1.60
CA GLY B 200 22.86 3.62 2.69
C GLY B 200 21.45 3.17 2.40
N ALA B 201 20.60 3.27 3.40
CA ALA B 201 19.21 2.83 3.31
C ALA B 201 18.34 3.98 2.83
N GLY B 202 17.69 3.80 1.70
CA GLY B 202 16.79 4.84 1.24
C GLY B 202 17.48 5.89 0.40
N VAL B 203 16.67 6.59 -0.39
CA VAL B 203 17.08 7.74 -1.17
C VAL B 203 16.16 8.88 -0.78
N CYS B 204 16.62 10.12 -0.95
CA CYS B 204 15.90 11.27 -0.44
C CYS B 204 15.35 12.17 -1.55
N SER B 205 15.02 11.58 -2.70
CA SER B 205 14.47 12.38 -3.80
C SER B 205 13.71 11.48 -4.74
N THR B 206 13.23 12.09 -5.83
CA THR B 206 12.40 11.43 -6.82
C THR B 206 13.22 11.13 -8.07
N ARG B 207 12.73 10.17 -8.87
CA ARG B 207 13.48 9.77 -10.06
C ARG B 207 13.67 10.91 -11.03
N GLN B 208 12.62 11.71 -11.25
CA GLN B 208 12.74 12.85 -12.16
C GLN B 208 13.65 13.93 -11.58
N GLU B 209 13.77 13.97 -10.26
CA GLU B 209 14.72 14.83 -9.57
C GLU B 209 16.02 14.06 -9.36
N ILE B 210 16.90 14.44 -8.43
CA ILE B 210 18.20 13.81 -8.24
C ILE B 210 18.08 12.37 -7.74
N GLY B 211 16.88 11.86 -7.55
CA GLY B 211 16.71 10.54 -6.98
C GLY B 211 16.84 9.36 -7.93
N ASN B 212 17.32 9.57 -9.15
CA ASN B 212 17.58 8.45 -10.05
C ASN B 212 19.04 8.03 -9.94
N LEU B 213 19.26 6.76 -9.64
CA LEU B 213 20.59 6.23 -9.38
C LEU B 213 20.94 5.19 -10.44
N ASP B 214 22.24 4.88 -10.54
CA ASP B 214 22.67 3.88 -11.50
C ASP B 214 22.13 2.50 -11.13
N LYS B 215 21.87 2.27 -9.84
CA LYS B 215 21.26 1.02 -9.42
C LYS B 215 19.88 0.85 -10.03
N HIS B 216 19.10 1.92 -10.09
CA HIS B 216 17.75 1.84 -10.65
C HIS B 216 17.79 1.49 -12.13
N GLU B 217 18.69 2.12 -12.89
CA GLU B 217 18.81 1.80 -14.30
C GLU B 217 19.29 0.37 -14.52
N GLU B 218 20.24 -0.07 -13.71
CA GLU B 218 20.70 -1.46 -13.78
C GLU B 218 19.56 -2.43 -13.50
N LEU B 219 18.76 -2.15 -12.48
CA LEU B 219 17.63 -3.01 -12.15
C LEU B 219 16.62 -3.04 -13.30
N GLU B 220 16.33 -1.88 -13.89
CA GLU B 220 15.31 -1.84 -14.93
C GLU B 220 15.76 -2.59 -16.17
N GLU B 221 17.04 -2.45 -16.53
CA GLU B 221 17.59 -3.25 -17.63
C GLU B 221 17.48 -4.74 -17.35
N LEU B 222 17.85 -5.15 -16.13
CA LEU B 222 17.79 -6.57 -15.79
C LEU B 222 16.36 -7.09 -15.82
N VAL B 223 15.41 -6.30 -15.32
CA VAL B 223 14.02 -6.73 -15.30
C VAL B 223 13.49 -6.88 -16.72
N ALA B 224 13.85 -5.94 -17.60
CA ALA B 224 13.42 -6.06 -18.99
C ALA B 224 13.96 -7.32 -19.63
N ARG B 225 15.24 -7.64 -19.39
CA ARG B 225 15.78 -8.89 -19.94
C ARG B 225 15.10 -10.11 -19.33
N PHE B 226 14.77 -10.06 -18.04
CA PHE B 226 14.13 -11.17 -17.37
C PHE B 226 12.75 -11.45 -17.97
N LEU B 227 11.93 -10.41 -18.14
CA LEU B 227 10.57 -10.61 -18.61
C LEU B 227 10.53 -11.06 -20.06
N GLY B 228 11.44 -10.57 -20.88
CA GLY B 228 11.36 -10.74 -22.30
C GLY B 228 10.80 -9.55 -23.05
N VAL B 229 10.71 -8.39 -22.41
CA VAL B 229 10.13 -7.21 -23.02
C VAL B 229 11.21 -6.22 -23.42
N GLU B 230 10.81 -5.19 -24.17
CA GLU B 230 11.76 -4.17 -24.60
C GLU B 230 12.26 -3.34 -23.43
N ALA B 231 11.39 -2.98 -22.50
CA ALA B 231 11.76 -2.09 -21.42
C ALA B 231 10.91 -2.36 -20.20
N ALA B 232 11.37 -1.86 -19.06
CA ALA B 232 10.66 -1.99 -17.80
C ALA B 232 11.01 -0.81 -16.90
N MET B 233 10.16 -0.57 -15.92
CA MET B 233 10.36 0.48 -14.94
C MET B 233 10.01 -0.06 -13.56
N ALA B 234 10.74 0.41 -12.55
CA ALA B 234 10.61 -0.11 -11.19
C ALA B 234 10.07 0.97 -10.26
N TYR B 235 9.29 0.55 -9.28
CA TYR B 235 8.65 1.43 -8.33
C TYR B 235 8.85 0.89 -6.92
N GLY B 236 8.70 1.78 -5.94
CA GLY B 236 9.00 1.41 -4.56
C GLY B 236 7.98 0.48 -3.95
N MET B 237 6.77 0.45 -4.48
CA MET B 237 5.71 -0.37 -3.93
C MET B 237 4.80 -0.87 -5.06
N GLY B 238 4.36 -2.13 -4.95
CA GLY B 238 3.50 -2.69 -5.97
C GLY B 238 2.09 -2.11 -5.95
N PHE B 239 1.51 -1.97 -4.76
CA PHE B 239 0.26 -1.25 -4.61
C PHE B 239 0.35 0.12 -5.28
N ALA B 240 1.46 0.82 -5.04
CA ALA B 240 1.71 2.09 -5.71
C ALA B 240 1.87 1.91 -7.21
N THR B 241 2.53 0.83 -7.64
CA THR B 241 2.67 0.60 -9.08
C THR B 241 1.31 0.63 -9.76
N ASN B 242 0.37 -0.15 -9.25
CA ASN B 242 -0.98 -0.14 -9.80
C ASN B 242 -1.63 1.23 -9.68
N SER B 243 -1.78 1.70 -8.43
CA SER B 243 -2.60 2.88 -8.18
C SER B 243 -2.03 4.13 -8.84
N MET B 244 -0.77 4.10 -9.25
CA MET B 244 -0.10 5.28 -9.77
C MET B 244 0.18 5.18 -11.26
N ASN B 245 0.09 3.99 -11.85
CA ASN B 245 0.34 3.87 -13.27
C ASN B 245 -0.87 3.53 -14.09
N ILE B 246 -1.91 2.93 -13.49
CA ILE B 246 -3.18 2.79 -14.22
C ILE B 246 -3.78 4.15 -14.55
N PRO B 247 -3.79 5.15 -13.66
CA PRO B 247 -4.34 6.46 -14.05
C PRO B 247 -3.59 7.13 -15.19
N ALA B 248 -2.31 6.77 -15.40
CA ALA B 248 -1.56 7.38 -16.49
C ALA B 248 -1.96 6.79 -17.83
N LEU B 249 -2.30 5.50 -17.86
CA LEU B 249 -2.59 4.83 -19.12
C LEU B 249 -3.96 5.22 -19.67
N VAL B 250 -4.98 5.28 -18.81
CA VAL B 250 -6.35 5.52 -19.25
C VAL B 250 -6.95 6.66 -18.46
N GLY B 251 -7.98 7.26 -19.03
CA GLY B 251 -8.67 8.37 -18.40
C GLY B 251 -10.13 8.40 -18.83
N LYS B 252 -10.75 9.57 -18.71
CA LYS B 252 -12.16 9.69 -19.09
C LYS B 252 -12.32 9.46 -20.59
N GLY B 253 -13.38 8.74 -20.95
CA GLY B 253 -13.60 8.33 -22.32
C GLY B 253 -13.05 6.98 -22.66
N CYS B 254 -12.27 6.36 -21.78
CA CYS B 254 -11.78 5.00 -21.95
C CYS B 254 -12.58 4.07 -21.07
N LEU B 255 -12.48 2.77 -21.34
CA LEU B 255 -13.21 1.77 -20.59
C LEU B 255 -12.23 0.79 -19.95
N ILE B 256 -12.49 0.44 -18.70
CA ILE B 256 -11.71 -0.55 -17.97
C ILE B 256 -12.60 -1.74 -17.71
N LEU B 257 -12.22 -2.89 -18.28
CA LEU B 257 -12.90 -4.14 -18.00
C LEU B 257 -12.11 -4.89 -16.94
N SER B 258 -12.61 -4.87 -15.71
CA SER B 258 -11.89 -5.37 -14.56
C SER B 258 -12.50 -6.70 -14.12
N ASP B 259 -11.64 -7.63 -13.73
CA ASP B 259 -12.09 -8.92 -13.22
C ASP B 259 -12.86 -8.72 -11.92
N GLU B 260 -13.74 -9.68 -11.62
CA GLU B 260 -14.56 -9.56 -10.42
C GLU B 260 -13.70 -9.57 -9.16
N LEU B 261 -12.65 -10.36 -9.15
CA LEU B 261 -11.81 -10.56 -7.97
C LEU B 261 -10.45 -9.87 -8.09
N ASN B 262 -10.43 -8.69 -8.70
CA ASN B 262 -9.18 -7.96 -8.85
C ASN B 262 -8.71 -7.42 -7.51
N HIS B 263 -7.40 -7.18 -7.43
CA HIS B 263 -6.80 -6.69 -6.20
C HIS B 263 -7.27 -5.27 -5.89
N ALA B 264 -7.15 -4.88 -4.63
CA ALA B 264 -7.56 -3.55 -4.22
C ALA B 264 -6.74 -2.47 -4.92
N SER B 265 -5.47 -2.76 -5.20
CA SER B 265 -4.63 -1.81 -5.91
C SER B 265 -5.13 -1.58 -7.33
N LEU B 266 -5.55 -2.65 -8.01
CA LEU B 266 -6.09 -2.51 -9.35
C LEU B 266 -7.40 -1.72 -9.34
N VAL B 267 -8.26 -1.98 -8.36
CA VAL B 267 -9.52 -1.24 -8.27
C VAL B 267 -9.25 0.23 -7.98
N LEU B 268 -8.31 0.52 -7.09
CA LEU B 268 -7.98 1.91 -6.78
C LEU B 268 -7.37 2.61 -7.99
N GLY B 269 -6.51 1.92 -8.74
CA GLY B 269 -5.96 2.51 -9.95
C GLY B 269 -7.03 2.79 -10.99
N ALA B 270 -8.00 1.89 -11.11
CA ALA B 270 -9.08 2.11 -12.06
C ALA B 270 -9.97 3.27 -11.62
N ARG B 271 -10.16 3.42 -10.31
CA ARG B 271 -11.01 4.51 -9.82
C ARG B 271 -10.31 5.86 -9.92
N LEU B 272 -9.01 5.90 -9.66
CA LEU B 272 -8.28 7.16 -9.74
C LEU B 272 -8.28 7.71 -11.15
N SER B 273 -8.15 6.84 -12.15
CA SER B 273 -8.42 7.23 -13.51
C SER B 273 -9.92 7.44 -13.70
N GLY B 274 -10.26 8.37 -14.58
CA GLY B 274 -11.65 8.71 -14.78
C GLY B 274 -12.42 7.78 -15.69
N ALA B 275 -11.84 6.65 -16.07
CA ALA B 275 -12.47 5.76 -17.03
C ALA B 275 -13.66 5.04 -16.41
N THR B 276 -14.59 4.64 -17.27
CA THR B 276 -15.70 3.80 -16.85
C THR B 276 -15.19 2.41 -16.51
N ILE B 277 -15.72 1.83 -15.42
CA ILE B 277 -15.30 0.53 -14.94
C ILE B 277 -16.46 -0.43 -15.07
N ARG B 278 -16.24 -1.54 -15.75
CA ARG B 278 -17.23 -2.61 -15.88
C ARG B 278 -16.60 -3.92 -15.43
N ILE B 279 -17.36 -4.70 -14.67
CA ILE B 279 -16.85 -5.89 -14.02
C ILE B 279 -17.39 -7.11 -14.73
N PHE B 280 -16.52 -8.05 -15.07
CA PHE B 280 -16.94 -9.34 -15.60
C PHE B 280 -16.68 -10.44 -14.59
N LYS B 281 -17.38 -11.56 -14.79
CA LYS B 281 -17.26 -12.68 -13.88
C LYS B 281 -15.86 -13.26 -13.92
N HIS B 282 -15.41 -13.77 -12.76
CA HIS B 282 -14.06 -14.26 -12.59
C HIS B 282 -13.72 -15.36 -13.59
N ASN B 283 -12.68 -15.12 -14.40
CA ASN B 283 -12.23 -16.04 -15.45
C ASN B 283 -13.37 -16.53 -16.34
N ASN B 284 -14.39 -15.71 -16.52
CA ASN B 284 -15.49 -16.05 -17.42
C ASN B 284 -15.21 -15.36 -18.76
N MET B 285 -14.72 -16.13 -19.72
CA MET B 285 -14.38 -15.55 -21.01
C MET B 285 -15.63 -15.23 -21.81
N GLN B 286 -16.73 -15.93 -21.54
CA GLN B 286 -18.00 -15.58 -22.16
C GLN B 286 -18.50 -14.23 -21.67
N SER B 287 -18.42 -13.98 -20.37
CA SER B 287 -18.81 -12.70 -19.81
C SER B 287 -17.91 -11.58 -20.32
N LEU B 288 -16.60 -11.83 -20.37
CA LEU B 288 -15.68 -10.83 -20.88
C LEU B 288 -15.93 -10.53 -22.35
N GLU B 289 -16.17 -11.56 -23.15
CA GLU B 289 -16.44 -11.33 -24.57
C GLU B 289 -17.74 -10.57 -24.78
N LYS B 290 -18.77 -10.89 -24.00
CA LYS B 290 -20.02 -10.16 -24.10
C LYS B 290 -19.83 -8.69 -23.72
N LEU B 291 -19.06 -8.43 -22.66
CA LEU B 291 -18.80 -7.05 -22.28
C LEU B 291 -18.03 -6.32 -23.37
N LEU B 292 -17.05 -6.98 -23.98
CA LEU B 292 -16.29 -6.35 -25.06
C LEU B 292 -17.19 -6.02 -26.24
N LYS B 293 -18.03 -6.98 -26.64
CA LYS B 293 -18.96 -6.76 -27.75
C LYS B 293 -19.84 -5.56 -27.47
N ASP B 294 -20.50 -5.54 -26.31
CA ASP B 294 -21.43 -4.46 -25.99
C ASP B 294 -20.71 -3.12 -25.90
N ALA B 295 -19.52 -3.11 -25.29
CA ALA B 295 -18.77 -1.87 -25.15
C ALA B 295 -18.41 -1.29 -26.50
N ILE B 296 -17.94 -2.12 -27.42
CA ILE B 296 -17.57 -1.61 -28.73
C ILE B 296 -18.80 -1.16 -29.50
N VAL B 297 -19.88 -1.94 -29.43
CA VAL B 297 -21.05 -1.63 -30.25
C VAL B 297 -21.76 -0.38 -29.77
N TYR B 298 -21.98 -0.25 -28.47
CA TYR B 298 -22.87 0.78 -27.95
C TYR B 298 -22.15 2.04 -27.47
N GLY B 299 -20.83 2.02 -27.39
CA GLY B 299 -20.10 3.23 -27.07
C GLY B 299 -20.28 3.68 -25.63
N GLN B 300 -19.90 4.93 -25.38
CA GLN B 300 -19.95 5.49 -24.04
C GLN B 300 -21.40 5.68 -23.60
N PRO B 301 -21.68 5.57 -22.30
CA PRO B 301 -23.09 5.43 -21.86
C PRO B 301 -23.96 6.63 -22.17
N ARG B 302 -23.62 7.83 -21.68
CA ARG B 302 -24.53 8.96 -21.84
C ARG B 302 -24.59 9.41 -23.29
N THR B 303 -23.43 9.61 -23.92
CA THR B 303 -23.34 9.91 -25.34
C THR B 303 -22.73 8.70 -26.02
N ARG B 304 -23.45 8.10 -26.94
CA ARG B 304 -23.03 6.80 -27.49
C ARG B 304 -21.89 6.97 -28.49
N ARG B 305 -20.84 7.66 -28.03
CA ARG B 305 -19.60 7.84 -28.75
C ARG B 305 -18.71 6.62 -28.59
N PRO B 306 -17.93 6.28 -29.61
CA PRO B 306 -16.98 5.17 -29.45
C PRO B 306 -15.97 5.46 -28.36
N TRP B 307 -15.57 4.41 -27.65
CA TRP B 307 -14.59 4.54 -26.57
C TRP B 307 -13.23 4.90 -27.14
N LYS B 308 -12.45 5.67 -26.38
CA LYS B 308 -11.08 5.94 -26.79
C LYS B 308 -10.23 4.69 -26.71
N LYS B 309 -10.37 3.94 -25.62
CA LYS B 309 -9.57 2.76 -25.37
C LYS B 309 -10.38 1.79 -24.54
N ILE B 310 -10.00 0.51 -24.58
CA ILE B 310 -10.56 -0.50 -23.71
C ILE B 310 -9.40 -1.25 -23.06
N LEU B 311 -9.33 -1.21 -21.75
CA LEU B 311 -8.25 -1.84 -20.99
C LEU B 311 -8.82 -2.96 -20.13
N ILE B 312 -8.23 -4.14 -20.24
CA ILE B 312 -8.65 -5.31 -19.48
C ILE B 312 -7.63 -5.55 -18.38
N LEU B 313 -8.05 -5.39 -17.13
CA LEU B 313 -7.19 -5.63 -15.98
C LEU B 313 -7.41 -7.05 -15.49
N VAL B 314 -6.36 -7.88 -15.54
CA VAL B 314 -6.42 -9.23 -15.02
C VAL B 314 -5.19 -9.48 -14.16
N GLU B 315 -5.25 -10.54 -13.37
CA GLU B 315 -4.12 -10.96 -12.55
C GLU B 315 -3.62 -12.31 -13.02
N GLY B 316 -2.31 -12.54 -12.91
CA GLY B 316 -1.77 -13.83 -13.29
C GLY B 316 -2.28 -14.95 -12.40
N ILE B 317 -2.24 -14.75 -11.10
CA ILE B 317 -2.82 -15.67 -10.13
C ILE B 317 -3.64 -14.86 -9.14
N TYR B 318 -4.88 -15.26 -8.93
CA TYR B 318 -5.73 -14.65 -7.91
C TYR B 318 -5.52 -15.39 -6.61
N SER B 319 -4.84 -14.75 -5.66
CA SER B 319 -4.32 -15.45 -4.49
C SER B 319 -5.45 -16.05 -3.65
N MET B 320 -6.52 -15.29 -3.44
CA MET B 320 -7.60 -15.77 -2.59
C MET B 320 -8.33 -16.95 -3.23
N GLU B 321 -8.45 -16.95 -4.56
CA GLU B 321 -9.11 -18.07 -5.23
C GLU B 321 -8.10 -19.14 -5.61
N GLY B 322 -6.83 -18.78 -5.78
CA GLY B 322 -5.85 -19.73 -6.24
C GLY B 322 -5.98 -20.11 -7.69
N SER B 323 -6.65 -19.29 -8.49
CA SER B 323 -6.89 -19.60 -9.89
C SER B 323 -5.90 -18.84 -10.78
N ILE B 324 -5.52 -19.48 -11.87
CA ILE B 324 -4.64 -18.89 -12.87
C ILE B 324 -5.52 -18.37 -13.99
N VAL B 325 -5.24 -17.14 -14.42
CA VAL B 325 -6.03 -16.49 -15.46
C VAL B 325 -5.98 -17.31 -16.73
N ARG B 326 -7.09 -17.32 -17.49
CA ARG B 326 -7.15 -18.01 -18.77
C ARG B 326 -6.49 -17.13 -19.83
N LEU B 327 -5.18 -17.00 -19.71
CA LEU B 327 -4.46 -16.03 -20.53
C LEU B 327 -4.55 -16.27 -22.03
N PRO B 328 -4.47 -17.50 -22.56
CA PRO B 328 -4.61 -17.66 -24.02
C PRO B 328 -5.93 -17.13 -24.55
N GLU B 329 -7.03 -17.38 -23.83
CA GLU B 329 -8.33 -16.88 -24.27
C GLU B 329 -8.41 -15.37 -24.14
N VAL B 330 -7.84 -14.81 -23.08
CA VAL B 330 -7.84 -13.36 -22.91
C VAL B 330 -7.06 -12.68 -24.04
N ILE B 331 -5.91 -13.25 -24.41
CA ILE B 331 -5.12 -12.68 -25.50
C ILE B 331 -5.83 -12.82 -26.82
N ALA B 332 -6.49 -13.96 -27.06
CA ALA B 332 -7.27 -14.11 -28.28
C ALA B 332 -8.39 -13.08 -28.35
N LEU B 333 -9.08 -12.86 -27.22
CA LEU B 333 -10.17 -11.89 -27.19
C LEU B 333 -9.66 -10.48 -27.40
N LYS B 334 -8.55 -10.11 -26.77
CA LYS B 334 -8.05 -8.75 -26.94
C LYS B 334 -7.53 -8.52 -28.35
N LYS B 335 -7.03 -9.58 -28.99
CA LYS B 335 -6.63 -9.44 -30.39
C LYS B 335 -7.85 -9.27 -31.29
N LYS B 336 -8.92 -10.02 -31.02
CA LYS B 336 -10.12 -9.91 -31.84
C LYS B 336 -10.78 -8.55 -31.67
N TYR B 337 -10.89 -8.07 -30.45
CA TYR B 337 -11.64 -6.86 -30.13
C TYR B 337 -10.75 -5.64 -29.93
N LYS B 338 -9.46 -5.75 -30.24
CA LYS B 338 -8.54 -4.62 -30.23
C LYS B 338 -8.50 -3.92 -28.88
N ALA B 339 -8.49 -4.70 -27.82
CA ALA B 339 -8.34 -4.17 -26.48
C ALA B 339 -6.87 -4.21 -26.06
N TYR B 340 -6.58 -3.58 -24.92
CA TYR B 340 -5.25 -3.61 -24.33
C TYR B 340 -5.30 -4.43 -23.05
N LEU B 341 -4.19 -5.08 -22.72
CA LEU B 341 -4.14 -6.01 -21.61
C LEU B 341 -3.19 -5.49 -20.53
N TYR B 342 -3.68 -5.46 -19.30
CA TYR B 342 -2.88 -5.12 -18.12
C TYR B 342 -2.84 -6.35 -17.23
N LEU B 343 -1.71 -7.04 -17.24
CA LEU B 343 -1.55 -8.30 -16.52
C LEU B 343 -0.77 -8.05 -15.24
N ASP B 344 -1.46 -8.06 -14.11
CA ASP B 344 -0.84 -7.95 -12.80
C ASP B 344 -0.31 -9.32 -12.44
N GLU B 345 1.02 -9.45 -12.41
CA GLU B 345 1.67 -10.75 -12.34
C GLU B 345 2.43 -10.90 -11.02
N ALA B 346 1.82 -10.44 -9.93
CA ALA B 346 2.51 -10.40 -8.64
C ALA B 346 2.69 -11.80 -8.06
N HIS B 347 1.67 -12.63 -8.11
CA HIS B 347 1.70 -13.93 -7.47
C HIS B 347 2.19 -15.04 -8.38
N SER B 348 2.58 -14.72 -9.61
CA SER B 348 3.00 -15.74 -10.56
C SER B 348 4.36 -15.47 -11.19
N ILE B 349 4.96 -14.32 -10.94
CA ILE B 349 6.18 -13.95 -11.67
C ILE B 349 7.33 -14.90 -11.31
N GLY B 350 7.38 -15.36 -10.08
CA GLY B 350 8.38 -16.35 -9.75
C GLY B 350 7.77 -17.72 -9.58
N ALA B 351 6.51 -17.75 -9.15
CA ALA B 351 5.86 -19.01 -8.81
C ALA B 351 5.59 -19.87 -10.04
N LEU B 352 5.20 -19.26 -11.15
CA LEU B 352 4.80 -20.00 -12.34
C LEU B 352 5.90 -19.93 -13.40
N GLY B 353 5.87 -20.90 -14.31
CA GLY B 353 6.80 -20.93 -15.41
C GLY B 353 7.91 -21.92 -15.21
N PRO B 354 8.31 -22.63 -16.28
CA PRO B 354 9.41 -23.59 -16.15
C PRO B 354 10.70 -22.96 -15.68
N THR B 355 10.95 -21.71 -16.09
CA THR B 355 12.09 -20.94 -15.63
C THR B 355 11.67 -19.78 -14.75
N GLY B 356 10.44 -19.82 -14.23
CA GLY B 356 9.96 -18.77 -13.34
C GLY B 356 9.80 -17.41 -13.99
N ARG B 357 9.23 -17.36 -15.19
CA ARG B 357 8.97 -16.10 -15.86
C ARG B 357 7.52 -15.68 -15.77
N GLY B 358 6.66 -16.48 -15.17
CA GLY B 358 5.30 -16.07 -14.88
C GLY B 358 4.28 -16.84 -15.67
N VAL B 359 3.09 -16.24 -15.76
CA VAL B 359 1.96 -16.87 -16.43
C VAL B 359 2.21 -16.96 -17.93
N VAL B 360 2.85 -15.92 -18.49
CA VAL B 360 3.12 -15.92 -19.93
C VAL B 360 3.99 -17.10 -20.32
N GLU B 361 5.04 -17.36 -19.53
CA GLU B 361 5.87 -18.54 -19.79
C GLU B 361 5.13 -19.82 -19.43
N TYR B 362 4.30 -19.79 -18.41
CA TYR B 362 3.53 -20.95 -18.01
C TYR B 362 2.64 -21.43 -19.14
N PHE B 363 2.10 -20.50 -19.91
CA PHE B 363 1.24 -20.85 -21.05
C PHE B 363 2.00 -20.98 -22.35
N GLY B 364 3.29 -20.64 -22.37
CA GLY B 364 4.06 -20.69 -23.60
C GLY B 364 3.74 -19.59 -24.58
N LEU B 365 3.26 -18.45 -24.10
CA LEU B 365 2.81 -17.39 -24.99
C LEU B 365 3.91 -16.35 -25.20
N ASP B 366 3.66 -15.44 -26.13
CA ASP B 366 4.60 -14.37 -26.42
C ASP B 366 4.46 -13.27 -25.38
N PRO B 367 5.54 -12.86 -24.72
CA PRO B 367 5.44 -11.73 -23.79
C PRO B 367 5.01 -10.44 -24.46
N GLU B 368 5.25 -10.32 -25.76
CA GLU B 368 4.96 -9.09 -26.47
C GLU B 368 3.46 -8.90 -26.73
N ASP B 369 2.67 -9.95 -26.53
CA ASP B 369 1.23 -9.84 -26.74
C ASP B 369 0.55 -9.08 -25.61
N VAL B 370 1.12 -9.12 -24.40
CA VAL B 370 0.57 -8.39 -23.27
C VAL B 370 1.07 -6.95 -23.33
N ASP B 371 0.14 -6.01 -23.35
CA ASP B 371 0.51 -4.60 -23.51
C ASP B 371 1.29 -4.11 -22.29
N VAL B 372 0.77 -4.36 -21.09
CA VAL B 372 1.41 -3.96 -19.85
C VAL B 372 1.52 -5.19 -18.96
N MET B 373 2.73 -5.47 -18.47
CA MET B 373 2.92 -6.53 -17.48
C MET B 373 3.37 -5.90 -16.16
N MET B 374 2.45 -5.75 -15.23
CA MET B 374 2.79 -5.49 -13.84
C MET B 374 3.45 -6.70 -13.22
N GLY B 375 4.30 -6.44 -12.25
CA GLY B 375 4.72 -7.48 -11.32
C GLY B 375 5.13 -6.86 -10.01
N THR B 376 5.30 -7.72 -9.01
CA THR B 376 5.72 -7.31 -7.68
C THR B 376 6.90 -8.16 -7.26
N PHE B 377 7.90 -7.52 -6.67
CA PHE B 377 9.08 -8.22 -6.18
C PHE B 377 8.90 -8.81 -4.80
N THR B 378 7.80 -8.47 -4.11
CA THR B 378 7.62 -8.91 -2.73
C THR B 378 7.39 -10.41 -2.64
N SER B 380 7.88 -13.35 -4.69
CA SER B 380 8.82 -14.43 -4.99
C SER B 380 10.28 -14.04 -4.77
N PHE B 381 10.63 -12.77 -4.97
CA PHE B 381 12.04 -12.39 -4.92
C PHE B 381 12.50 -12.09 -3.51
N GLY B 382 11.59 -11.79 -2.60
CA GLY B 382 11.96 -11.52 -1.23
C GLY B 382 12.41 -10.10 -0.95
N ALA B 383 11.93 -9.12 -1.71
CA ALA B 383 12.23 -7.72 -1.47
C ALA B 383 11.05 -6.88 -1.94
N SER B 384 10.89 -5.69 -1.35
CA SER B 384 9.77 -4.84 -1.70
C SER B 384 9.96 -4.23 -3.08
N GLY B 385 8.86 -3.76 -3.65
CA GLY B 385 8.92 -3.02 -4.90
C GLY B 385 7.93 -3.57 -5.89
N GLY B 386 7.89 -2.93 -7.05
CA GLY B 386 7.06 -3.38 -8.15
C GLY B 386 7.68 -2.97 -9.47
N TYR B 387 7.10 -3.46 -10.55
CA TYR B 387 7.61 -3.11 -11.87
C TYR B 387 6.49 -3.13 -12.89
N ILE B 388 6.71 -2.41 -13.99
CA ILE B 388 5.89 -2.52 -15.19
C ILE B 388 6.82 -2.76 -16.37
N GLY B 389 6.54 -3.82 -17.13
CA GLY B 389 7.28 -4.14 -18.34
C GLY B 389 6.41 -3.97 -19.57
N GLY B 390 7.03 -3.60 -20.67
CA GLY B 390 6.33 -3.38 -21.91
C GLY B 390 7.28 -2.90 -22.98
N LYS B 391 6.70 -2.28 -24.01
CA LYS B 391 7.51 -1.74 -25.09
C LYS B 391 8.19 -0.45 -24.63
N LYS B 392 9.21 -0.05 -25.40
CA LYS B 392 10.00 1.11 -25.01
C LYS B 392 9.17 2.38 -24.99
N GLU B 393 8.22 2.50 -25.92
CA GLU B 393 7.35 3.67 -25.95
C GLU B 393 6.52 3.76 -24.68
N LEU B 394 5.95 2.64 -24.24
CA LEU B 394 5.15 2.61 -23.02
C LEU B 394 5.99 3.01 -21.81
N ILE B 395 7.19 2.46 -21.68
CA ILE B 395 8.02 2.74 -20.52
C ILE B 395 8.52 4.17 -20.54
N ASP B 396 8.83 4.71 -21.72
CA ASP B 396 9.20 6.11 -21.80
C ASP B 396 8.05 7.02 -21.37
N TYR B 397 6.83 6.70 -21.83
CA TYR B 397 5.68 7.49 -21.40
C TYR B 397 5.48 7.40 -19.90
N LEU B 398 5.69 6.22 -19.33
CA LEU B 398 5.51 6.07 -17.89
C LEU B 398 6.59 6.81 -17.11
N ARG B 399 7.83 6.76 -17.57
CA ARG B 399 8.89 7.53 -16.93
C ARG B 399 8.54 9.01 -16.95
N THR B 400 7.89 9.47 -18.01
CA THR B 400 7.53 10.88 -18.08
C THR B 400 6.30 11.21 -17.22
N HIS B 401 5.31 10.32 -17.18
CA HIS B 401 3.97 10.67 -16.73
C HIS B 401 3.46 9.83 -15.57
N SER B 402 4.26 8.92 -15.03
CA SER B 402 3.79 8.14 -13.88
C SER B 402 3.75 9.03 -12.64
N HIS B 403 2.74 8.81 -11.80
CA HIS B 403 2.65 9.58 -10.56
C HIS B 403 3.82 9.27 -9.64
N SER B 404 4.25 7.99 -9.63
CA SER B 404 5.35 7.59 -8.78
C SER B 404 6.66 8.18 -9.26
N ALA B 405 6.83 8.34 -10.57
CA ALA B 405 8.07 8.88 -11.11
C ALA B 405 8.24 10.34 -10.76
N VAL B 406 7.13 11.03 -10.49
CA VAL B 406 7.19 12.48 -10.26
C VAL B 406 7.13 12.80 -8.78
N TYR B 407 6.32 12.10 -8.00
CA TYR B 407 6.01 12.52 -6.65
C TYR B 407 6.44 11.55 -5.56
N ALA B 408 6.92 10.36 -5.91
CA ALA B 408 7.20 9.34 -4.91
C ALA B 408 8.69 9.01 -4.88
N THR B 409 9.17 8.69 -3.70
CA THR B 409 10.59 8.37 -3.51
C THR B 409 10.94 7.06 -4.19
N SER B 410 12.16 6.99 -4.71
CA SER B 410 12.62 5.84 -5.45
C SER B 410 12.77 4.62 -4.55
N LEU B 411 13.14 3.49 -5.15
CA LEU B 411 13.41 2.28 -4.39
C LEU B 411 14.68 2.44 -3.56
N SER B 412 14.75 1.66 -2.48
CA SER B 412 15.94 1.65 -1.66
C SER B 412 17.06 0.88 -2.36
N PRO B 413 18.31 1.34 -2.26
CA PRO B 413 19.41 0.68 -2.96
C PRO B 413 19.67 -0.73 -2.47
N PRO B 414 19.68 -1.00 -1.15
CA PRO B 414 19.82 -2.41 -0.74
C PRO B 414 18.70 -3.30 -1.26
N VAL B 415 17.49 -2.77 -1.33
CA VAL B 415 16.37 -3.54 -1.86
C VAL B 415 16.58 -3.87 -3.32
N VAL B 416 17.01 -2.89 -4.13
CA VAL B 416 17.22 -3.16 -5.55
C VAL B 416 18.38 -4.13 -5.72
N GLU B 417 19.39 -4.07 -4.84
CA GLU B 417 20.48 -5.03 -4.96
C GLU B 417 20.01 -6.44 -4.64
N GLN B 418 19.15 -6.60 -3.64
CA GLN B 418 18.62 -7.93 -3.35
C GLN B 418 17.77 -8.43 -4.50
N ILE B 419 16.97 -7.54 -5.11
CA ILE B 419 16.19 -7.92 -6.28
C ILE B 419 17.08 -8.36 -7.42
N ILE B 420 18.16 -7.61 -7.67
CA ILE B 420 19.08 -7.93 -8.75
C ILE B 420 19.71 -9.29 -8.52
N THR B 421 20.18 -9.54 -7.30
CA THR B 421 20.83 -10.81 -7.01
C THR B 421 19.86 -11.98 -7.13
N SER B 422 18.63 -11.81 -6.62
CA SER B 422 17.65 -12.88 -6.73
C SER B 422 17.29 -13.16 -8.18
N MET B 423 17.11 -12.11 -8.98
CA MET B 423 16.75 -12.27 -10.38
C MET B 423 17.86 -12.97 -11.15
N LYS B 424 19.12 -12.61 -10.88
CA LYS B 424 20.22 -13.29 -11.55
C LYS B 424 20.34 -14.73 -11.08
N CYS B 425 19.99 -15.01 -9.82
CA CYS B 425 19.95 -16.39 -9.36
C CYS B 425 18.90 -17.19 -10.12
N ILE B 426 17.72 -16.60 -10.31
CA ILE B 426 16.65 -17.29 -11.02
C ILE B 426 17.03 -17.54 -12.48
N MET B 427 17.53 -16.51 -13.16
CA MET B 427 17.81 -16.64 -14.59
C MET B 427 19.18 -17.24 -14.86
N GLY B 428 19.80 -17.90 -13.88
CA GLY B 428 20.98 -18.71 -14.10
C GLY B 428 22.29 -17.97 -14.14
N GLN B 429 22.28 -16.65 -13.95
CA GLN B 429 23.52 -15.87 -14.04
C GLN B 429 24.35 -15.95 -12.78
N ASP B 430 23.82 -16.53 -11.70
CA ASP B 430 24.59 -16.66 -10.47
C ASP B 430 25.70 -17.69 -10.61
N GLY B 431 25.70 -18.45 -11.71
CA GLY B 431 26.69 -19.48 -11.91
C GLY B 431 26.40 -20.80 -11.22
N THR B 432 25.27 -20.89 -10.50
CA THR B 432 24.90 -22.08 -9.77
C THR B 432 23.48 -22.48 -10.15
N SER B 433 23.19 -23.77 -10.01
CA SER B 433 21.88 -24.30 -10.38
C SER B 433 20.82 -24.08 -9.30
N LEU B 434 21.07 -23.17 -8.36
CA LEU B 434 20.13 -22.98 -7.25
C LEU B 434 18.81 -22.40 -7.72
N GLY B 435 18.85 -21.47 -8.68
CA GLY B 435 17.63 -20.82 -9.12
C GLY B 435 16.67 -21.77 -9.82
N LYS B 436 17.21 -22.65 -10.66
CA LYS B 436 16.40 -23.69 -11.27
C LYS B 436 15.79 -24.59 -10.21
N GLU B 437 16.62 -25.13 -9.33
CA GLU B 437 16.17 -26.08 -8.32
C GLU B 437 15.02 -25.51 -7.52
N CYS B 438 15.02 -24.20 -7.27
CA CYS B 438 13.91 -23.55 -6.59
C CYS B 438 12.61 -23.73 -7.36
N VAL B 439 12.68 -23.56 -8.69
CA VAL B 439 11.48 -23.65 -9.50
C VAL B 439 10.93 -25.07 -9.52
N GLN B 440 11.78 -26.07 -9.78
CA GLN B 440 11.27 -27.44 -9.71
C GLN B 440 10.77 -27.80 -8.32
N GLN B 441 11.45 -27.34 -7.27
CA GLN B 441 11.02 -27.71 -5.92
C GLN B 441 9.68 -27.09 -5.59
N LEU B 442 9.45 -25.83 -5.98
CA LEU B 442 8.14 -25.23 -5.75
C LEU B 442 7.05 -25.96 -6.51
N ALA B 443 7.33 -26.35 -7.76
CA ALA B 443 6.34 -27.11 -8.52
C ALA B 443 6.00 -28.43 -7.84
N GLU B 444 7.02 -29.15 -7.38
CA GLU B 444 6.80 -30.41 -6.69
C GLU B 444 6.01 -30.22 -5.41
N ASN B 445 6.36 -29.19 -4.63
CA ASN B 445 5.65 -28.93 -3.39
C ASN B 445 4.19 -28.62 -3.66
N THR B 446 3.91 -27.81 -4.68
CA THR B 446 2.53 -27.46 -5.01
C THR B 446 1.74 -28.71 -5.38
N ARG B 447 2.29 -29.53 -6.28
CA ARG B 447 1.57 -30.73 -6.68
C ARG B 447 1.33 -31.66 -5.50
N TYR B 448 2.36 -31.90 -4.69
CA TYR B 448 2.24 -32.83 -3.57
C TYR B 448 1.21 -32.33 -2.56
N PHE B 449 1.32 -31.07 -2.15
CA PHE B 449 0.42 -30.52 -1.15
C PHE B 449 -1.02 -30.53 -1.64
N ARG B 450 -1.26 -30.09 -2.88
CA ARG B 450 -2.62 -30.05 -3.38
C ARG B 450 -3.22 -31.44 -3.49
N ARG B 451 -2.44 -32.40 -4.00
CA ARG B 451 -2.98 -33.75 -4.13
C ARG B 451 -3.29 -34.35 -2.77
N ARG B 452 -2.37 -34.19 -1.81
CA ARG B 452 -2.59 -34.75 -0.49
C ARG B 452 -3.80 -34.12 0.19
N LEU B 453 -3.95 -32.80 0.09
CA LEU B 453 -5.11 -32.14 0.68
C LEU B 453 -6.40 -32.60 0.04
N LYS B 454 -6.42 -32.71 -1.29
CA LYS B 454 -7.67 -33.09 -1.96
C LYS B 454 -8.05 -34.53 -1.63
N GLU B 455 -7.07 -35.42 -1.54
CA GLU B 455 -7.44 -36.80 -1.22
C GLU B 455 -7.67 -37.02 0.27
N MET B 456 -7.47 -35.98 1.09
CA MET B 456 -7.91 -36.00 2.48
C MET B 456 -9.38 -35.65 2.64
N GLY B 457 -9.94 -34.86 1.72
CA GLY B 457 -11.36 -34.57 1.75
C GLY B 457 -11.74 -33.12 1.92
N PHE B 458 -10.79 -32.20 1.87
CA PHE B 458 -11.10 -30.79 1.98
C PHE B 458 -11.58 -30.24 0.64
N ILE B 459 -12.21 -29.08 0.68
CA ILE B 459 -12.55 -28.36 -0.53
C ILE B 459 -11.44 -27.35 -0.81
N ILE B 460 -10.76 -27.53 -1.93
CA ILE B 460 -9.61 -26.71 -2.32
C ILE B 460 -9.96 -25.99 -3.60
N TYR B 461 -9.82 -24.66 -3.59
CA TYR B 461 -10.11 -23.84 -4.76
C TYR B 461 -8.87 -23.66 -5.60
N GLY B 462 -9.06 -23.45 -6.89
CA GLY B 462 -8.04 -22.92 -7.76
C GLY B 462 -7.50 -23.95 -8.73
N ASN B 463 -6.49 -23.52 -9.48
CA ASN B 463 -5.81 -24.37 -10.44
C ASN B 463 -4.84 -25.30 -9.71
N GLU B 464 -4.66 -26.48 -10.28
CA GLU B 464 -3.83 -27.49 -9.63
C GLU B 464 -2.36 -27.10 -9.61
N ASP B 465 -1.95 -26.13 -10.43
CA ASP B 465 -0.57 -25.69 -10.47
C ASP B 465 -0.31 -24.45 -9.64
N SER B 466 -1.31 -23.95 -8.95
CA SER B 466 -1.16 -22.69 -8.23
C SER B 466 -0.57 -22.93 -6.85
N PRO B 467 0.55 -22.29 -6.50
CA PRO B 467 1.17 -22.54 -5.19
C PRO B 467 0.37 -22.00 -4.02
N VAL B 468 -0.59 -21.11 -4.22
CA VAL B 468 -1.50 -20.71 -3.16
C VAL B 468 -2.66 -21.71 -3.12
N VAL B 469 -2.92 -22.23 -1.94
CA VAL B 469 -3.91 -23.28 -1.72
C VAL B 469 -4.98 -22.72 -0.78
N PRO B 470 -6.13 -22.30 -1.27
CA PRO B 470 -7.22 -21.92 -0.36
C PRO B 470 -8.07 -23.10 0.06
N LEU B 471 -8.19 -23.28 1.37
CA LEU B 471 -9.01 -24.32 1.98
C LEU B 471 -10.26 -23.67 2.58
N MET B 472 -11.42 -24.24 2.31
CA MET B 472 -12.69 -23.61 2.67
C MET B 472 -13.05 -23.94 4.11
N LEU B 473 -13.25 -22.90 4.93
CA LEU B 473 -13.71 -23.11 6.30
C LEU B 473 -15.21 -22.92 6.38
N TYR B 474 -15.74 -21.90 5.71
CA TYR B 474 -17.15 -21.64 5.44
C TYR B 474 -17.92 -21.15 6.65
N MET B 475 -17.34 -21.11 7.85
CA MET B 475 -18.10 -20.67 9.01
C MET B 475 -17.28 -19.66 9.80
N PRO B 476 -17.93 -18.60 10.31
CA PRO B 476 -17.18 -17.55 11.00
C PRO B 476 -16.46 -18.02 12.25
N ALA B 477 -17.04 -18.94 13.01
CA ALA B 477 -16.37 -19.46 14.19
C ALA B 477 -15.17 -20.31 13.81
N LYS B 478 -15.30 -21.08 12.73
CA LYS B 478 -14.19 -21.91 12.28
C LYS B 478 -13.02 -21.09 11.78
N ILE B 479 -13.24 -19.85 11.36
CA ILE B 479 -12.13 -18.98 10.98
C ILE B 479 -11.17 -18.81 12.16
N GLY B 480 -11.71 -18.44 13.32
CA GLY B 480 -10.87 -18.32 14.49
C GLY B 480 -10.36 -19.66 15.00
N ALA B 481 -11.24 -20.67 14.98
CA ALA B 481 -10.86 -21.97 15.53
C ALA B 481 -9.70 -22.58 14.75
N PHE B 482 -9.72 -22.46 13.42
CA PHE B 482 -8.67 -23.06 12.60
C PHE B 482 -7.32 -22.41 12.88
N GLY B 483 -7.28 -21.08 12.90
CA GLY B 483 -6.03 -20.40 13.19
C GLY B 483 -5.49 -20.74 14.55
N ARG B 484 -6.36 -20.73 15.57
CA ARG B 484 -5.90 -21.03 16.93
C ARG B 484 -5.43 -22.47 17.04
N GLU B 485 -6.16 -23.42 16.46
CA GLU B 485 -5.80 -24.82 16.58
C GLU B 485 -4.55 -25.14 15.79
N MET B 486 -4.33 -24.45 14.67
CA MET B 486 -3.15 -24.73 13.87
C MET B 486 -1.91 -24.13 14.52
N LEU B 487 -2.04 -22.94 15.12
CA LEU B 487 -0.91 -22.38 15.86
C LEU B 487 -0.60 -23.22 17.09
N LYS B 488 -1.65 -23.76 17.73
CA LYS B 488 -1.45 -24.68 18.85
C LYS B 488 -0.63 -25.89 18.43
N ARG B 489 -0.72 -26.29 17.17
CA ARG B 489 0.01 -27.43 16.64
C ARG B 489 1.24 -27.03 15.84
N ASN B 490 1.69 -25.79 16.00
CA ASN B 490 2.98 -25.30 15.49
C ASN B 490 2.99 -25.10 13.97
N ILE B 491 1.84 -24.75 13.39
CA ILE B 491 1.77 -24.30 12.01
C ILE B 491 1.10 -22.94 11.97
N GLY B 492 1.73 -21.98 11.29
CA GLY B 492 1.16 -20.67 11.09
C GLY B 492 0.45 -20.61 9.76
N VAL B 493 -0.84 -20.30 9.80
CA VAL B 493 -1.67 -20.23 8.61
C VAL B 493 -2.37 -18.88 8.58
N VAL B 494 -2.91 -18.55 7.41
CA VAL B 494 -3.61 -17.30 7.18
C VAL B 494 -5.09 -17.61 6.98
N VAL B 495 -5.97 -16.93 7.71
CA VAL B 495 -7.40 -17.09 7.56
C VAL B 495 -8.00 -15.74 7.20
N VAL B 496 -8.97 -15.73 6.30
CA VAL B 496 -9.53 -14.51 5.74
C VAL B 496 -11.05 -14.62 5.59
N GLY B 497 -11.73 -13.50 5.84
CA GLY B 497 -13.18 -13.34 5.71
C GLY B 497 -13.57 -12.16 4.84
N PHE B 498 -14.47 -11.30 5.33
CA PHE B 498 -15.07 -10.28 4.45
C PHE B 498 -14.07 -9.33 3.78
N PRO B 499 -13.15 -8.67 4.49
CA PRO B 499 -12.35 -7.63 3.81
C PRO B 499 -11.52 -8.14 2.65
N ALA B 500 -11.35 -9.46 2.55
CA ALA B 500 -10.62 -10.05 1.43
C ALA B 500 -11.45 -11.06 0.64
N THR B 501 -12.52 -11.61 1.20
CA THR B 501 -13.29 -12.67 0.57
C THR B 501 -14.77 -12.37 0.67
N PRO B 502 -15.59 -12.98 -0.18
CA PRO B 502 -17.05 -12.82 -0.06
C PRO B 502 -17.59 -13.44 1.22
N ILE B 503 -18.91 -13.39 1.36
CA ILE B 503 -19.56 -13.67 2.64
C ILE B 503 -19.38 -15.13 3.05
N ILE B 504 -19.95 -16.06 2.29
CA ILE B 504 -20.00 -17.44 2.73
C ILE B 504 -18.62 -18.10 2.64
N GLU B 505 -17.87 -17.77 1.59
CA GLU B 505 -16.60 -18.44 1.31
C GLU B 505 -15.48 -17.74 2.06
N SER B 506 -15.34 -18.08 3.34
CA SER B 506 -14.19 -17.66 4.13
C SER B 506 -13.19 -18.81 4.16
N ARG B 507 -11.91 -18.48 4.15
CA ARG B 507 -10.93 -19.50 3.77
C ARG B 507 -9.65 -19.37 4.57
N ALA B 508 -8.80 -20.40 4.43
CA ALA B 508 -7.45 -20.41 4.94
C ALA B 508 -6.51 -20.60 3.77
N ARG B 509 -5.57 -19.69 3.61
CA ARG B 509 -4.67 -19.71 2.46
C ARG B 509 -3.31 -20.26 2.89
N PHE B 510 -2.83 -21.27 2.17
CA PHE B 510 -1.48 -21.79 2.35
C PHE B 510 -0.61 -21.33 1.19
N CYS B 511 0.47 -20.62 1.50
CA CYS B 511 1.45 -20.24 0.50
C CYS B 511 2.60 -21.24 0.56
N LEU B 512 2.74 -22.02 -0.50
CA LEU B 512 3.81 -23.01 -0.57
C LEU B 512 5.11 -22.34 -0.99
N SER B 513 6.22 -22.96 -0.58
CA SER B 513 7.53 -22.39 -0.77
C SER B 513 8.49 -23.47 -1.26
N ALA B 514 9.52 -23.03 -1.99
CA ALA B 514 10.61 -23.95 -2.30
C ALA B 514 11.48 -24.23 -1.08
N ALA B 515 11.35 -23.40 -0.04
CA ALA B 515 12.06 -23.65 1.20
C ALA B 515 11.44 -24.80 1.97
N HIS B 516 10.15 -25.04 1.76
CA HIS B 516 9.47 -26.16 2.41
C HIS B 516 10.02 -27.47 1.90
N THR B 517 10.53 -28.28 2.82
CA THR B 517 10.94 -29.63 2.48
C THR B 517 9.75 -30.57 2.56
N LYS B 518 9.97 -31.83 2.18
CA LYS B 518 8.87 -32.80 2.22
C LYS B 518 8.55 -33.20 3.64
N GLU B 519 9.54 -33.17 4.54
CA GLU B 519 9.27 -33.45 5.95
C GLU B 519 8.39 -32.38 6.56
N ILE B 520 8.67 -31.11 6.24
CA ILE B 520 7.84 -30.01 6.73
C ILE B 520 6.43 -30.12 6.18
N LEU B 521 6.31 -30.42 4.88
CA LEU B 521 4.99 -30.56 4.28
C LEU B 521 4.23 -31.73 4.90
N ASP B 522 4.92 -32.84 5.17
CA ASP B 522 4.28 -33.97 5.81
C ASP B 522 3.78 -33.63 7.21
N THR B 523 4.59 -32.91 7.99
CA THR B 523 4.15 -32.49 9.32
C THR B 523 2.93 -31.59 9.22
N ALA B 524 2.96 -30.61 8.32
CA ALA B 524 1.83 -29.70 8.17
C ALA B 524 0.58 -30.44 7.73
N LEU B 525 0.73 -31.38 6.79
CA LEU B 525 -0.41 -32.13 6.29
C LEU B 525 -1.00 -33.01 7.38
N LYS B 526 -0.15 -33.62 8.21
CA LYS B 526 -0.66 -34.46 9.30
C LYS B 526 -1.45 -33.62 10.30
N GLU B 527 -0.93 -32.45 10.66
CA GLU B 527 -1.67 -31.60 11.59
C GLU B 527 -2.93 -31.05 10.96
N ILE B 528 -2.92 -30.78 9.65
CA ILE B 528 -4.13 -30.31 8.97
C ILE B 528 -5.19 -31.40 8.95
N ASP B 529 -4.78 -32.65 8.70
CA ASP B 529 -5.72 -33.76 8.77
C ASP B 529 -6.34 -33.87 10.16
N GLU B 530 -5.50 -33.78 11.20
CA GLU B 530 -6.01 -33.87 12.56
C GLU B 530 -6.99 -32.74 12.86
N VAL B 531 -6.67 -31.51 12.46
CA VAL B 531 -7.55 -30.38 12.75
C VAL B 531 -8.83 -30.46 11.94
N GLY B 532 -8.74 -30.93 10.70
CA GLY B 532 -9.95 -31.11 9.90
C GLY B 532 -10.88 -32.15 10.48
N ASP B 533 -10.31 -33.20 11.08
CA ASP B 533 -11.14 -34.10 11.87
C ASP B 533 -11.75 -33.39 13.07
N LEU B 534 -10.94 -32.58 13.76
CA LEU B 534 -11.43 -31.89 14.95
C LEU B 534 -12.50 -30.87 14.61
N LEU B 535 -12.30 -30.07 13.57
CA LEU B 535 -13.19 -28.97 13.24
C LEU B 535 -14.21 -29.33 12.17
N GLN B 536 -14.22 -30.57 11.70
CA GLN B 536 -15.16 -31.05 10.68
C GLN B 536 -15.11 -30.18 9.44
N LEU B 537 -13.92 -30.13 8.84
CA LEU B 537 -13.64 -29.23 7.73
C LEU B 537 -13.53 -29.95 6.40
N LYS B 538 -13.80 -31.25 6.36
CA LYS B 538 -13.73 -32.02 5.12
C LYS B 538 -15.11 -32.05 4.50
N TYR B 539 -15.47 -30.98 3.78
CA TYR B 539 -16.79 -30.81 3.22
C TYR B 539 -16.93 -31.41 1.82
N SER B 540 -15.87 -31.96 1.25
CA SER B 540 -15.89 -32.40 -0.13
C SER B 540 -16.74 -33.65 -0.26
N ARG B 541 -17.45 -33.77 -1.39
CA ARG B 541 -18.20 -34.98 -1.67
C ARG B 541 -17.46 -35.90 -2.63
N HIS B 542 -16.59 -35.35 -3.47
CA HIS B 542 -15.97 -36.14 -4.53
C HIS B 542 -14.88 -37.05 -4.00
N ARG B 543 -13.99 -36.52 -3.15
CA ARG B 543 -12.85 -37.29 -2.68
C ARG B 543 -12.71 -37.12 -1.17
N LEU B 544 -12.29 -38.20 -0.51
CA LEU B 544 -12.02 -38.21 0.92
C LEU B 544 -11.31 -39.50 1.28
N ARG C 8 -14.20 -40.41 28.92
CA ARG C 8 -14.84 -41.50 28.20
C ARG C 8 -15.85 -40.98 27.20
N ALA C 9 -17.08 -41.52 27.25
CA ALA C 9 -18.13 -41.02 26.37
C ALA C 9 -18.48 -39.57 26.70
N TRP C 10 -18.16 -39.13 27.92
CA TRP C 10 -18.29 -37.72 28.26
C TRP C 10 -17.41 -36.86 27.36
N LYS C 11 -16.21 -37.35 27.02
CA LYS C 11 -15.37 -36.62 26.08
C LYS C 11 -16.01 -36.54 24.70
N GLN C 12 -16.72 -37.60 24.31
CA GLN C 12 -17.47 -37.56 23.05
C GLN C 12 -18.55 -36.49 23.10
N MET C 13 -19.28 -36.41 24.23
CA MET C 13 -20.30 -35.38 24.36
C MET C 13 -19.67 -33.99 24.43
N SER C 14 -18.46 -33.89 24.97
CA SER C 14 -17.75 -32.61 25.00
C SER C 14 -17.37 -32.18 23.59
N TRP C 15 -16.94 -33.14 22.77
CA TRP C 15 -16.67 -32.82 21.36
C TRP C 15 -17.95 -32.42 20.63
N PHE C 16 -19.06 -33.07 20.98
CA PHE C 16 -20.35 -32.69 20.39
C PHE C 16 -20.73 -31.26 20.77
N TYR C 17 -20.54 -30.91 22.04
CA TYR C 17 -20.78 -29.54 22.48
C TYR C 17 -19.86 -28.57 21.76
N TYR C 18 -18.61 -28.96 21.54
CA TYR C 18 -17.66 -28.12 20.81
C TYR C 18 -18.13 -27.90 19.37
N GLN C 19 -18.64 -28.95 18.73
CA GLN C 19 -19.19 -28.81 17.39
C GLN C 19 -20.40 -27.89 17.38
N TYR C 20 -21.25 -28.00 18.40
CA TYR C 20 -22.39 -27.09 18.53
C TYR C 20 -21.92 -25.65 18.65
N LEU C 21 -20.86 -25.42 19.42
CA LEU C 21 -20.28 -24.09 19.54
C LEU C 21 -19.78 -23.56 18.20
N LEU C 22 -19.06 -24.41 17.45
CA LEU C 22 -18.53 -23.98 16.17
C LEU C 22 -19.65 -23.65 15.19
N VAL C 23 -20.67 -24.49 15.13
CA VAL C 23 -21.76 -24.29 14.18
C VAL C 23 -22.56 -23.04 14.53
N THR C 24 -22.90 -22.86 15.80
CA THR C 24 -23.72 -21.74 16.22
C THR C 24 -22.95 -20.45 16.40
N ALA C 25 -21.63 -20.46 16.16
CA ALA C 25 -20.74 -19.33 16.39
C ALA C 25 -20.68 -18.92 17.85
N LEU C 26 -21.10 -19.79 18.77
CA LEU C 26 -20.96 -19.51 20.19
C LEU C 26 -19.51 -19.62 20.64
N TYR C 27 -18.65 -20.24 19.82
CA TYR C 27 -17.22 -20.27 20.11
C TYR C 27 -16.64 -18.88 20.14
N MET C 28 -17.21 -17.96 19.36
CA MET C 28 -16.66 -16.61 19.27
C MET C 28 -17.16 -15.73 20.41
N LEU C 29 -18.14 -16.20 21.18
CA LEU C 29 -18.78 -15.35 22.16
C LEU C 29 -18.24 -15.60 23.56
N GLU C 30 -18.49 -14.63 24.44
CA GLU C 30 -18.05 -14.69 25.81
C GLU C 30 -18.97 -15.61 26.61
N PRO C 31 -18.51 -16.11 27.76
CA PRO C 31 -19.30 -17.11 28.49
C PRO C 31 -20.72 -16.66 28.84
N TRP C 32 -20.91 -15.40 29.18
CA TRP C 32 -22.24 -14.93 29.53
C TRP C 32 -23.14 -14.85 28.30
N GLU C 33 -22.58 -14.49 27.15
CA GLU C 33 -23.36 -14.52 25.92
C GLU C 33 -23.75 -15.96 25.57
N ARG C 34 -22.86 -16.91 25.80
CA ARG C 34 -23.20 -18.31 25.61
C ARG C 34 -24.33 -18.72 26.54
N THR C 35 -24.29 -18.29 27.80
CA THR C 35 -25.36 -18.62 28.73
C THR C 35 -26.68 -17.99 28.29
N VAL C 36 -26.65 -16.76 27.80
CA VAL C 36 -27.86 -16.10 27.32
C VAL C 36 -28.46 -16.90 26.16
N PHE C 37 -27.61 -17.28 25.19
CA PHE C 37 -28.09 -18.04 24.05
C PHE C 37 -28.69 -19.37 24.49
N ASN C 38 -28.01 -20.07 25.41
CA ASN C 38 -28.52 -21.36 25.86
C ASN C 38 -29.82 -21.23 26.63
N SER C 39 -29.96 -20.17 27.43
CA SER C 39 -31.22 -19.93 28.12
C SER C 39 -32.35 -19.70 27.14
N MET C 40 -32.10 -18.90 26.10
CA MET C 40 -33.10 -18.71 25.05
C MET C 40 -33.42 -20.03 24.36
N LEU C 41 -32.40 -20.85 24.11
CA LEU C 41 -32.62 -22.12 23.44
C LEU C 41 -33.50 -23.05 24.27
N VAL C 42 -33.19 -23.21 25.55
CA VAL C 42 -33.99 -24.10 26.38
C VAL C 42 -35.38 -23.53 26.60
N SER C 43 -35.51 -22.21 26.62
CA SER C 43 -36.83 -21.60 26.74
C SER C 43 -37.69 -21.94 25.52
N ILE C 44 -37.13 -21.74 24.33
CA ILE C 44 -37.87 -22.05 23.10
C ILE C 44 -38.22 -23.53 23.07
N VAL C 45 -37.27 -24.39 23.46
CA VAL C 45 -37.52 -25.83 23.47
C VAL C 45 -38.66 -26.16 24.42
N GLY C 46 -38.69 -25.55 25.60
CA GLY C 46 -39.74 -25.83 26.55
C GLY C 46 -41.11 -25.39 26.07
N MET C 47 -41.18 -24.20 25.47
CA MET C 47 -42.46 -23.74 24.93
C MET C 47 -42.94 -24.65 23.81
N ALA C 48 -42.03 -25.06 22.94
CA ALA C 48 -42.40 -25.98 21.87
C ALA C 48 -42.90 -27.31 22.42
N LEU C 49 -42.20 -27.86 23.41
CA LEU C 49 -42.63 -29.13 24.00
C LEU C 49 -43.99 -28.99 24.68
N TYR C 50 -44.21 -27.87 25.35
CA TYR C 50 -45.50 -27.63 26.00
C TYR C 50 -46.63 -27.60 24.97
N THR C 51 -46.46 -26.81 23.90
CA THR C 51 -47.51 -26.73 22.88
C THR C 51 -47.71 -28.08 22.20
N GLY C 52 -46.61 -28.81 21.95
CA GLY C 52 -46.72 -30.09 21.29
C GLY C 52 -47.46 -31.13 22.12
N TYR C 53 -47.19 -31.17 23.43
CA TYR C 53 -47.89 -32.12 24.27
C TYR C 53 -49.36 -31.71 24.46
N VAL C 54 -49.62 -30.41 24.58
CA VAL C 54 -50.98 -29.96 24.86
C VAL C 54 -51.93 -30.33 23.73
N PHE C 55 -51.53 -30.08 22.47
CA PHE C 55 -52.40 -30.38 21.34
C PHE C 55 -52.10 -31.73 20.71
N MET C 56 -50.85 -31.99 20.34
CA MET C 56 -50.49 -33.25 19.70
C MET C 56 -50.02 -34.28 20.71
#